data_7G7T
#
_entry.id   7G7T
#
_cell.length_a   84.886
_cell.length_b   92.516
_cell.length_c   120.983
_cell.angle_alpha   90.000
_cell.angle_beta   90.000
_cell.angle_gamma   90.000
#
_symmetry.space_group_name_H-M   'P 21 21 21'
#
loop_
_entity.id
_entity.type
_entity.pdbx_description
1 polymer 'Isoform 2 of Ectonucleotide pyrophosphatase/phosphodiesterase family member 2'
2 branched alpha-D-mannopyranose-(1-2)-alpha-D-mannopyranose-(1-3)-alpha-D-mannopyranose-(1-6)-[alpha-D-mannopyranose-(1-2)-alpha-D-mannopyranose-(1-3)]beta-D-mannopyranose-(1-4)-2-acetamido-2-deoxy-beta-D-glucopyranose-(1-4)-2-acetamido-2-deoxy-beta-D-glucopyranose
3 non-polymer 6-[(3aR,6aS)-5-{2-cyclopropyl-6-[(oxan-4-yl)methoxy]pyridine-4-carbonyl}hexahydropyrrolo[3,4-c]pyrrole-2(1H)-carbonyl]pyridine-3-sulfonamide
4 non-polymer 'CALCIUM ION'
5 non-polymer 'ACETATE ION'
6 non-polymer 'CHLORIDE ION'
7 non-polymer 'ZINC ION'
8 non-polymer 'SODIUM ION'
9 non-polymer 'POTASSIUM ION'
10 water water
#
_entity_poly.entity_id   1
_entity_poly.type   'polypeptide(L)'
_entity_poly.pdbx_seq_one_letter_code
;FTASRIKRAEWDEGPPTVLSDSPWTATSGSCKGRCFELQEVGPPDCRCDNLCKSYSSCCHDFDELCLKTARGWECTKDRC
GEVRNEENACHCSEDCLSRGDCCTNYQVVCKGESHWVDDDCEEIKVPECPAGFVRPPLIIFSVDGFRASYMKKGSKVMPN
IEKLRSCGTHAPYMRPVYPTKTFPNLYTLATGLYPESHGIVGNSMYDPVFDASFHLRGREKFNHRWWGGQPLWITATKQG
VRAGTFFWSVSIPHERRILTILQWLSLPDNERPSVYAFYSEQPDFSGHKYGPFGPEMTNPLREIDKTVGQLMDGLKQLRL
HRCVNVIFVGDHGMEDVTCDRTEFLSNYLTNVDDITLVPGTLGRIRAKSINNSKYDPKTIIAALTCKKPDQHFKPYMKQH
LPKRLHYANNRRIEDIHLLVDRRWHVARKPLDVYKKPSGKCFFQGDHGFDNKVNSMQTVFVGYGPTFKYRTKVPPFENIE
LYNVMCDLLGLKPAPNNGTHGSLNHLLRTNTFRPTMPDEVSRPNYPGIMYLQSEFDLGCTCDDKVEPKNKLEELNKRLHT
KGSTKERHLLYGRPAVLYRTSYDILYHTDFESGYSEIFLMPLWTSYTISKQAEVSSIPEHLTNCVRPDVRVSPGFSQNCL
AYKNDKQMSYGFLFPPYLSSSPEAKYDAFLVTNMVPMYPAFKRVWAYFQRVLVKKYASERNGVNVISGPIFDYNYDGLRD
TEDEIKQYVEGSSIPVPTHYYSIITSCLDFTQPADKCDGPLSVSSFILPHRPDNDESCNSSEDESKWVEELMKMHTARVR
DIEHLTGLDFYRKTSRSYSEILTLKTYLHTYESEIGGRHHHHHHHH
;
_entity_poly.pdbx_strand_id   A
#
loop_
_chem_comp.id
_chem_comp.type
_chem_comp.name
_chem_comp.formula
ACT non-polymer 'ACETATE ION' 'C2 H3 O2 -1'
BMA D-saccharide, beta linking beta-D-mannopyranose 'C6 H12 O6'
CA non-polymer 'CALCIUM ION' 'Ca 2'
CL non-polymer 'CHLORIDE ION' 'Cl -1'
K non-polymer 'POTASSIUM ION' 'K 1'
MAN D-saccharide, alpha linking alpha-D-mannopyranose 'C6 H12 O6'
NA non-polymer 'SODIUM ION' 'Na 1'
NAG D-saccharide, beta linking 2-acetamido-2-deoxy-beta-D-glucopyranose 'C8 H15 N O6'
XVB non-polymer 6-[(3aR,6aS)-5-{2-cyclopropyl-6-[(oxan-4-yl)methoxy]pyridine-4-carbonyl}hexahydropyrrolo[3,4-c]pyrrole-2(1H)-carbonyl]pyridine-3-sulfonamide 'C27 H33 N5 O6 S'
ZN non-polymer 'ZINC ION' 'Zn 2'
#
# COMPACT_ATOMS: atom_id res chain seq x y z
N TRP A 24 -19.14 -34.07 -14.46
CA TRP A 24 -18.61 -35.15 -15.34
C TRP A 24 -17.50 -34.68 -16.28
N THR A 25 -16.50 -35.55 -16.48
CA THR A 25 -15.52 -35.41 -17.56
C THR A 25 -15.33 -36.76 -18.28
N ALA A 26 -15.62 -36.78 -19.58
CA ALA A 26 -15.36 -37.94 -20.43
C ALA A 26 -13.88 -37.97 -20.83
N THR A 27 -13.03 -38.42 -19.90
CA THR A 27 -11.56 -38.33 -20.02
C THR A 27 -10.92 -39.27 -21.09
N SER A 28 -11.76 -39.68 -22.06
CA SER A 28 -11.41 -40.62 -23.15
C SER A 28 -10.77 -39.99 -24.41
N GLY A 29 -10.81 -38.65 -24.54
CA GLY A 29 -10.02 -37.94 -25.56
C GLY A 29 -8.53 -38.03 -25.28
N SER A 30 -7.71 -37.50 -26.19
CA SER A 30 -6.26 -37.59 -26.12
C SER A 30 -5.54 -36.21 -26.08
N CYS A 31 -4.40 -36.16 -25.39
CA CYS A 31 -3.57 -34.96 -25.36
C CYS A 31 -2.54 -34.87 -26.46
N LYS A 32 -2.49 -35.84 -27.39
CA LYS A 32 -1.44 -35.86 -28.43
C LYS A 32 -1.44 -34.58 -29.29
N GLY A 33 -0.27 -33.95 -29.39
CA GLY A 33 -0.12 -32.63 -30.00
C GLY A 33 -0.81 -31.44 -29.32
N ARG A 34 -1.45 -31.65 -28.15
CA ARG A 34 -2.15 -30.60 -27.39
C ARG A 34 -1.49 -30.24 -26.05
N CYS A 35 -0.24 -30.67 -25.82
CA CYS A 35 0.34 -30.60 -24.47
C CYS A 35 0.51 -29.12 -24.09
N PHE A 36 -0.13 -28.68 -23.00
CA PHE A 36 -0.07 -27.27 -22.51
C PHE A 36 -0.67 -26.28 -23.52
N GLU A 37 -1.75 -26.73 -24.17
CA GLU A 37 -2.65 -25.91 -25.00
C GLU A 37 -3.06 -24.61 -24.28
N LEU A 38 -3.16 -23.55 -25.07
CA LEU A 38 -3.33 -22.20 -24.54
C LEU A 38 -4.76 -21.73 -24.24
N GLN A 39 -5.76 -22.39 -24.84
CA GLN A 39 -7.19 -22.10 -24.58
C GLN A 39 -7.83 -23.28 -23.86
N GLU A 40 -8.61 -22.98 -22.84
CA GLU A 40 -9.26 -23.98 -22.00
C GLU A 40 -10.50 -24.54 -22.74
N VAL A 41 -10.53 -25.85 -22.98
CA VAL A 41 -11.71 -26.51 -23.58
C VAL A 41 -12.71 -27.00 -22.52
N GLY A 42 -13.99 -26.66 -22.74
CA GLY A 42 -15.07 -26.84 -21.76
C GLY A 42 -15.55 -28.27 -21.53
N PRO A 43 -15.63 -28.71 -20.25
CA PRO A 43 -16.25 -29.99 -19.84
C PRO A 43 -17.65 -30.27 -20.45
N PRO A 44 -18.07 -31.54 -20.62
CA PRO A 44 -17.29 -32.75 -20.22
C PRO A 44 -16.27 -33.33 -21.24
N ASP A 45 -15.64 -32.46 -22.05
CA ASP A 45 -14.45 -32.83 -22.86
C ASP A 45 -13.19 -32.75 -21.98
N CYS A 46 -12.19 -33.59 -22.27
CA CYS A 46 -10.97 -33.60 -21.45
C CYS A 46 -9.94 -32.53 -21.82
N ARG A 47 -9.22 -32.08 -20.78
CA ARG A 47 -8.31 -30.95 -20.85
C ARG A 47 -6.83 -31.38 -20.88
N CYS A 48 -6.01 -30.55 -21.53
CA CYS A 48 -4.55 -30.75 -21.61
C CYS A 48 -3.76 -29.48 -21.22
N ASP A 49 -4.42 -28.52 -20.57
CA ASP A 49 -3.81 -27.25 -20.14
C ASP A 49 -3.12 -27.39 -18.78
N ASN A 50 -2.26 -26.43 -18.43
CA ASN A 50 -1.46 -26.50 -17.18
C ASN A 50 -2.26 -26.45 -15.86
N LEU A 51 -3.58 -26.34 -15.98
CA LEU A 51 -4.51 -26.38 -14.83
C LEU A 51 -5.40 -27.65 -14.69
N CYS A 52 -5.40 -28.51 -15.71
CA CYS A 52 -6.28 -29.68 -15.73
C CYS A 52 -6.28 -30.55 -14.44
N LYS A 53 -5.08 -30.79 -13.88
CA LYS A 53 -4.88 -31.58 -12.65
C LYS A 53 -5.73 -31.11 -11.47
N SER A 54 -5.76 -29.79 -11.28
CA SER A 54 -6.45 -29.11 -10.18
C SER A 54 -7.99 -29.20 -10.26
N TYR A 55 -8.50 -29.50 -11.46
CA TYR A 55 -9.93 -29.66 -11.71
C TYR A 55 -10.38 -31.13 -11.78
N SER A 56 -9.44 -32.07 -11.62
CA SER A 56 -9.65 -33.51 -11.90
C SER A 56 -10.21 -33.70 -13.33
N SER A 57 -9.42 -33.32 -14.35
CA SER A 57 -9.96 -33.21 -15.71
C SER A 57 -9.01 -33.50 -16.88
N CYS A 58 -7.77 -33.88 -16.58
CA CYS A 58 -6.79 -34.19 -17.63
C CYS A 58 -7.20 -35.44 -18.41
N CYS A 59 -6.88 -35.49 -19.71
CA CYS A 59 -7.06 -36.69 -20.54
C CYS A 59 -6.20 -37.83 -20.00
N HIS A 60 -6.69 -39.06 -20.24
CA HIS A 60 -6.06 -40.29 -19.75
C HIS A 60 -4.54 -40.31 -19.91
N ASP A 61 -4.06 -39.77 -21.05
CA ASP A 61 -2.64 -39.81 -21.46
C ASP A 61 -1.80 -38.53 -21.15
N PHE A 62 -2.36 -37.64 -20.32
CA PHE A 62 -1.68 -36.38 -19.97
C PHE A 62 -0.28 -36.58 -19.37
N ASP A 63 -0.16 -37.41 -18.34
CA ASP A 63 1.17 -37.73 -17.74
C ASP A 63 2.19 -38.28 -18.73
N GLU A 64 1.77 -39.27 -19.54
CA GLU A 64 2.67 -39.97 -20.47
C GLU A 64 3.23 -38.99 -21.52
N LEU A 65 2.33 -38.24 -22.13
CA LEU A 65 2.68 -37.34 -23.23
C LEU A 65 3.25 -36.00 -22.77
N CYS A 66 2.61 -35.36 -21.79
CA CYS A 66 2.90 -33.97 -21.37
C CYS A 66 3.85 -33.82 -20.17
N LEU A 67 4.01 -34.88 -19.37
CA LEU A 67 4.87 -34.79 -18.17
C LEU A 67 6.02 -35.79 -18.17
N LYS A 68 6.72 -35.84 -19.31
CA LYS A 68 7.90 -36.69 -19.53
C LYS A 68 9.00 -36.38 -18.56
N THR A 69 9.67 -37.41 -18.06
CA THR A 69 10.75 -37.24 -17.08
C THR A 69 12.06 -37.93 -17.44
N ALA A 70 11.99 -38.86 -18.40
CA ALA A 70 13.13 -39.70 -18.79
C ALA A 70 14.42 -38.91 -18.97
N ARG A 71 15.50 -39.42 -18.35
CA ARG A 71 16.89 -38.90 -18.49
C ARG A 71 17.14 -37.56 -17.76
N GLY A 72 16.09 -37.01 -17.15
CA GLY A 72 16.23 -35.82 -16.31
C GLY A 72 16.20 -34.49 -17.06
N TRP A 73 16.92 -33.49 -16.53
CA TRP A 73 16.72 -32.10 -16.97
C TRP A 73 17.93 -31.42 -17.58
N GLU A 74 19.03 -32.16 -17.76
CA GLU A 74 20.30 -31.57 -18.23
C GLU A 74 20.97 -32.44 -19.29
N CYS A 75 21.57 -31.80 -20.29
CA CYS A 75 22.43 -32.51 -21.23
C CYS A 75 23.75 -32.87 -20.55
N THR A 76 24.33 -33.97 -21.01
CA THR A 76 25.69 -34.41 -20.62
C THR A 76 26.47 -34.69 -21.91
N LYS A 77 27.79 -34.80 -21.79
CA LYS A 77 28.71 -34.97 -22.94
C LYS A 77 28.26 -35.98 -24.01
N ASP A 78 27.91 -37.18 -23.56
CA ASP A 78 27.54 -38.29 -24.44
C ASP A 78 26.15 -38.16 -25.08
N ARG A 79 25.30 -37.29 -24.50
CA ARG A 79 23.98 -37.02 -25.08
C ARG A 79 24.04 -36.11 -26.31
N CYS A 80 25.16 -35.39 -26.46
CA CYS A 80 25.33 -34.40 -27.55
C CYS A 80 25.26 -35.08 -28.92
N GLY A 81 24.43 -34.53 -29.79
CA GLY A 81 24.22 -35.05 -31.14
C GLY A 81 23.33 -36.28 -31.28
N GLU A 82 22.85 -36.83 -30.16
CA GLU A 82 22.02 -38.06 -30.07
C GLU A 82 20.87 -38.15 -31.09
N VAL A 83 20.31 -39.35 -31.23
CA VAL A 83 19.13 -39.54 -32.07
C VAL A 83 17.92 -39.19 -31.22
N ARG A 84 17.06 -38.31 -31.74
CA ARG A 84 15.85 -37.84 -31.06
C ARG A 84 14.99 -38.99 -30.51
N ASN A 85 15.07 -39.17 -29.20
CA ASN A 85 14.17 -40.05 -28.47
C ASN A 85 13.04 -39.21 -27.87
N GLU A 86 11.88 -39.24 -28.52
CA GLU A 86 10.71 -38.42 -28.14
C GLU A 86 10.19 -38.64 -26.72
N GLU A 87 10.67 -39.70 -26.05
CA GLU A 87 10.31 -40.00 -24.66
C GLU A 87 11.10 -39.21 -23.60
N ASN A 88 12.20 -38.58 -24.01
CA ASN A 88 13.02 -37.80 -23.08
C ASN A 88 12.32 -36.53 -22.59
N ALA A 89 12.67 -36.09 -21.39
CA ALA A 89 12.06 -34.89 -20.81
C ALA A 89 12.47 -33.66 -21.63
N CYS A 90 13.72 -33.63 -22.05
CA CYS A 90 14.25 -32.58 -22.94
C CYS A 90 15.33 -33.19 -23.83
N HIS A 91 15.76 -32.46 -24.86
CA HIS A 91 16.56 -33.10 -25.92
C HIS A 91 17.93 -32.50 -26.10
N CYS A 92 18.84 -33.31 -26.63
CA CYS A 92 20.21 -32.89 -26.88
C CYS A 92 20.61 -33.22 -28.34
N SER A 93 19.60 -33.63 -29.11
CA SER A 93 19.73 -33.88 -30.56
C SER A 93 19.91 -32.57 -31.33
N GLU A 94 20.44 -32.69 -32.54
CA GLU A 94 20.73 -31.54 -33.42
C GLU A 94 19.51 -30.69 -33.83
N ASP A 95 18.35 -31.32 -33.95
CA ASP A 95 17.14 -30.62 -34.37
C ASP A 95 16.43 -29.85 -33.23
N CYS A 96 16.94 -29.94 -32.00
CA CYS A 96 16.20 -29.40 -30.81
C CYS A 96 15.95 -27.88 -30.83
N LEU A 97 16.97 -27.09 -31.22
CA LEU A 97 16.79 -25.64 -31.33
C LEU A 97 15.57 -25.24 -32.18
N SER A 98 15.46 -25.79 -33.39
CA SER A 98 14.33 -25.53 -34.30
C SER A 98 12.99 -26.13 -33.85
N ARG A 99 13.06 -27.20 -33.06
CA ARG A 99 11.88 -27.75 -32.35
C ARG A 99 11.51 -26.92 -31.11
N GLY A 100 12.44 -26.10 -30.61
CA GLY A 100 12.26 -25.32 -29.35
C GLY A 100 12.21 -26.15 -28.06
N ASP A 101 12.90 -27.29 -28.05
CA ASP A 101 12.79 -28.20 -26.91
C ASP A 101 14.10 -28.83 -26.41
N CYS A 102 15.22 -28.14 -26.60
CA CYS A 102 16.50 -28.51 -25.96
C CYS A 102 16.44 -28.39 -24.43
N CYS A 103 17.29 -29.15 -23.73
CA CYS A 103 17.53 -28.90 -22.30
C CYS A 103 18.17 -27.51 -22.23
N THR A 104 17.97 -26.83 -21.11
CA THR A 104 18.36 -25.42 -21.03
C THR A 104 19.86 -25.26 -21.10
N ASN A 105 20.61 -26.28 -20.73
CA ASN A 105 22.09 -26.21 -20.80
C ASN A 105 22.73 -26.78 -22.11
N TYR A 106 21.88 -27.10 -23.09
CA TYR A 106 22.33 -27.75 -24.35
C TYR A 106 23.54 -27.11 -25.03
N GLN A 107 23.49 -25.78 -25.26
CA GLN A 107 24.56 -25.08 -25.96
CA GLN A 107 24.57 -25.10 -25.97
C GLN A 107 25.81 -24.93 -25.11
N VAL A 108 25.64 -25.01 -23.79
CA VAL A 108 26.78 -24.92 -22.89
C VAL A 108 27.61 -26.23 -22.98
N VAL A 109 26.92 -27.37 -22.81
CA VAL A 109 27.56 -28.69 -22.76
C VAL A 109 28.09 -29.13 -24.15
N CYS A 110 27.25 -28.97 -25.17
CA CYS A 110 27.51 -29.48 -26.51
C CYS A 110 28.16 -28.50 -27.48
N LYS A 111 27.97 -27.19 -27.27
CA LYS A 111 28.43 -26.19 -28.25
C LYS A 111 29.42 -25.16 -27.71
N GLY A 112 30.08 -25.48 -26.59
CA GLY A 112 31.11 -24.60 -25.99
C GLY A 112 30.64 -23.24 -25.45
N GLU A 113 29.33 -23.01 -25.35
CA GLU A 113 28.78 -21.75 -24.84
C GLU A 113 28.92 -21.58 -23.32
N SER A 114 28.98 -20.32 -22.86
CA SER A 114 28.91 -19.99 -21.40
C SER A 114 27.48 -19.87 -20.84
N HIS A 115 27.33 -20.17 -19.54
CA HIS A 115 26.08 -19.94 -18.79
C HIS A 115 25.84 -18.44 -18.75
N TRP A 116 24.57 -18.01 -18.75
CA TRP A 116 24.24 -16.57 -18.71
C TRP A 116 24.91 -15.87 -17.52
N VAL A 117 24.94 -16.53 -16.34
CA VAL A 117 25.48 -15.90 -15.12
C VAL A 117 26.98 -15.60 -15.22
N ASP A 118 27.72 -16.36 -16.03
CA ASP A 118 29.16 -16.16 -16.19
C ASP A 118 29.55 -14.98 -17.11
N ASP A 119 28.62 -14.50 -17.93
CA ASP A 119 28.86 -13.39 -18.85
C ASP A 119 28.81 -12.07 -18.07
N ASP A 120 29.72 -11.16 -18.43
CA ASP A 120 29.73 -9.80 -17.92
C ASP A 120 28.39 -9.12 -18.21
N CYS A 121 27.91 -8.25 -17.35
CA CYS A 121 26.73 -7.53 -17.79
CA CYS A 121 26.74 -7.40 -17.59
C CYS A 121 27.04 -6.37 -18.70
N GLU A 122 26.12 -6.17 -19.65
CA GLU A 122 26.31 -5.15 -20.69
C GLU A 122 24.97 -4.51 -20.82
N GLU A 123 24.96 -3.18 -20.77
CA GLU A 123 23.74 -2.39 -20.94
C GLU A 123 22.88 -2.81 -22.15
N ILE A 124 21.56 -2.94 -21.94
CA ILE A 124 20.62 -3.23 -23.01
C ILE A 124 19.91 -1.92 -23.36
N LYS A 125 20.46 -1.20 -24.34
CA LYS A 125 19.97 0.13 -24.70
C LYS A 125 18.70 0.05 -25.54
N VAL A 126 18.60 -0.95 -26.43
CA VAL A 126 17.44 -1.16 -27.26
C VAL A 126 17.10 -2.66 -27.18
N PRO A 127 15.83 -3.04 -27.38
CA PRO A 127 15.51 -4.47 -27.44
C PRO A 127 16.16 -5.12 -28.64
N GLU A 128 16.81 -6.26 -28.41
CA GLU A 128 17.47 -7.03 -29.47
C GLU A 128 16.72 -8.35 -29.65
N CYS A 129 15.70 -8.35 -30.52
CA CYS A 129 14.73 -9.43 -30.64
C CYS A 129 14.80 -10.11 -32.03
N PRO A 130 14.50 -11.43 -32.11
CA PRO A 130 14.33 -12.09 -33.44
C PRO A 130 13.25 -11.42 -34.29
N ALA A 131 13.33 -11.58 -35.61
CA ALA A 131 12.35 -10.96 -36.51
C ALA A 131 10.96 -11.52 -36.25
N GLY A 132 9.95 -10.67 -36.37
CA GLY A 132 8.58 -11.08 -36.08
C GLY A 132 8.07 -10.80 -34.67
N PHE A 133 8.98 -10.50 -33.74
CA PHE A 133 8.60 -9.99 -32.40
C PHE A 133 8.14 -8.52 -32.49
N VAL A 134 6.85 -8.29 -32.20
CA VAL A 134 6.21 -6.95 -32.25
C VAL A 134 6.52 -6.04 -31.01
N ARG A 135 6.90 -6.65 -29.89
CA ARG A 135 7.17 -5.96 -28.61
C ARG A 135 8.06 -6.89 -27.77
N PRO A 136 8.90 -6.35 -26.85
CA PRO A 136 9.59 -7.22 -25.88
C PRO A 136 8.56 -8.02 -25.03
N PRO A 137 8.68 -9.35 -24.98
CA PRO A 137 7.79 -10.13 -24.07
C PRO A 137 8.10 -9.78 -22.58
N LEU A 138 7.11 -9.97 -21.71
CA LEU A 138 7.28 -9.82 -20.25
C LEU A 138 7.20 -11.19 -19.55
N ILE A 139 8.17 -11.50 -18.70
CA ILE A 139 8.09 -12.74 -17.90
C ILE A 139 8.09 -12.30 -16.42
N ILE A 140 7.08 -12.73 -15.67
CA ILE A 140 6.94 -12.35 -14.24
C ILE A 140 7.26 -13.63 -13.42
N PHE A 141 8.38 -13.59 -12.70
CA PHE A 141 8.86 -14.72 -11.89
C PHE A 141 8.49 -14.45 -10.40
N SER A 142 7.44 -15.10 -9.86
CA SER A 142 7.03 -14.74 -8.51
C SER A 142 7.49 -15.79 -7.49
N VAL A 143 7.96 -15.31 -6.33
CA VAL A 143 8.49 -16.20 -5.30
C VAL A 143 7.74 -15.99 -3.99
N ASP A 144 7.08 -17.04 -3.53
CA ASP A 144 6.27 -16.99 -2.30
C ASP A 144 7.15 -16.90 -1.03
N GLY A 145 6.81 -15.96 -0.15
CA GLY A 145 7.57 -15.82 1.13
C GLY A 145 9.00 -15.34 1.05
N PHE A 146 9.38 -14.67 -0.03
CA PHE A 146 10.75 -14.27 -0.24
C PHE A 146 10.95 -12.92 0.48
N ARG A 147 11.45 -13.01 1.69
CA ARG A 147 11.73 -11.85 2.55
C ARG A 147 12.84 -10.94 1.98
N ALA A 148 12.66 -9.61 2.10
CA ALA A 148 13.55 -8.68 1.44
C ALA A 148 15.02 -8.88 1.85
N SER A 149 15.28 -9.20 3.13
CA SER A 149 16.70 -9.33 3.54
C SER A 149 17.37 -10.56 2.97
N TYR A 150 16.62 -11.51 2.40
CA TYR A 150 17.30 -12.59 1.67
C TYR A 150 18.26 -12.11 0.57
N MET A 151 17.95 -10.95 -0.06
CA MET A 151 18.86 -10.44 -1.14
C MET A 151 20.30 -10.23 -0.66
N LYS A 152 20.45 -9.69 0.55
CA LYS A 152 21.78 -9.51 1.15
C LYS A 152 22.25 -10.80 1.85
N LYS A 153 21.38 -11.39 2.68
CA LYS A 153 21.82 -12.49 3.57
C LYS A 153 22.07 -13.84 2.83
N GLY A 154 21.36 -14.04 1.73
CA GLY A 154 21.59 -15.24 0.91
C GLY A 154 22.40 -15.01 -0.36
N SER A 155 23.05 -13.85 -0.48
CA SER A 155 23.72 -13.43 -1.73
C SER A 155 24.77 -14.41 -2.23
N LYS A 156 25.47 -15.09 -1.30
CA LYS A 156 26.51 -16.08 -1.69
C LYS A 156 25.98 -17.31 -2.40
N VAL A 157 24.72 -17.63 -2.19
CA VAL A 157 24.19 -18.87 -2.76
C VAL A 157 23.18 -18.62 -3.91
N MET A 158 23.01 -17.35 -4.32
CA MET A 158 22.06 -16.98 -5.39
C MET A 158 22.76 -16.14 -6.52
N PRO A 159 23.76 -16.74 -7.22
CA PRO A 159 24.47 -15.91 -8.23
C PRO A 159 23.61 -15.34 -9.41
N ASN A 160 22.67 -16.12 -9.94
CA ASN A 160 21.81 -15.67 -11.05
C ASN A 160 20.90 -14.48 -10.61
N ILE A 161 20.27 -14.62 -9.44
CA ILE A 161 19.42 -13.55 -8.88
C ILE A 161 20.24 -12.30 -8.59
N GLU A 162 21.45 -12.49 -8.04
CA GLU A 162 22.30 -11.35 -7.74
C GLU A 162 22.75 -10.60 -8.97
N LYS A 163 22.90 -11.31 -10.09
CA LYS A 163 23.22 -10.63 -11.37
C LYS A 163 22.02 -9.85 -11.91
N LEU A 164 20.82 -10.44 -11.86
CA LEU A 164 19.62 -9.69 -12.31
C LEU A 164 19.53 -8.41 -11.49
N ARG A 165 19.76 -8.57 -10.18
CA ARG A 165 19.62 -7.46 -9.24
C ARG A 165 20.62 -6.33 -9.48
N SER A 166 21.90 -6.65 -9.58
CA SER A 166 22.93 -5.61 -9.73
C SER A 166 22.94 -5.03 -11.15
N CYS A 167 22.63 -5.82 -12.17
CA CYS A 167 22.65 -5.30 -13.55
CA CYS A 167 22.65 -5.34 -13.57
C CYS A 167 21.37 -4.60 -13.98
N GLY A 168 20.25 -4.94 -13.33
CA GLY A 168 18.94 -4.38 -13.71
C GLY A 168 18.56 -3.23 -12.79
N THR A 169 17.25 -3.11 -12.51
CA THR A 169 16.72 -2.07 -11.62
C THR A 169 16.20 -2.78 -10.37
N HIS A 170 16.58 -2.33 -9.16
CA HIS A 170 16.05 -3.01 -7.96
C HIS A 170 15.64 -1.99 -6.87
N ALA A 171 14.73 -2.39 -5.99
CA ALA A 171 14.44 -1.60 -4.77
C ALA A 171 15.06 -2.36 -3.59
N PRO A 172 15.39 -1.67 -2.48
CA PRO A 172 15.94 -2.40 -1.30
C PRO A 172 14.86 -3.31 -0.69
N TYR A 173 13.58 -2.93 -0.89
CA TYR A 173 12.43 -3.79 -0.56
C TYR A 173 11.18 -3.25 -1.18
N MET A 174 10.16 -4.11 -1.25
CA MET A 174 8.84 -3.70 -1.73
C MET A 174 7.83 -3.99 -0.63
N ARG A 175 6.91 -3.04 -0.37
CA ARG A 175 5.89 -3.18 0.69
C ARG A 175 4.67 -3.96 0.16
N PRO A 176 4.31 -5.07 0.86
CA PRO A 176 3.09 -5.82 0.46
C PRO A 176 1.84 -5.08 0.93
N VAL A 177 0.66 -5.60 0.59
CA VAL A 177 -0.61 -5.12 1.19
C VAL A 177 -0.99 -5.89 2.47
N TYR A 178 -1.81 -5.28 3.32
CA TYR A 178 -2.41 -5.96 4.47
C TYR A 178 -3.72 -6.67 4.10
N PRO A 179 -3.98 -7.90 4.58
CA PRO A 179 -3.01 -8.71 5.34
C PRO A 179 -1.90 -9.30 4.48
N THR A 180 -0.76 -9.49 5.10
CA THR A 180 0.41 -9.91 4.34
C THR A 180 0.36 -11.44 4.19
N LYS A 181 -0.75 -11.90 3.60
CA LYS A 181 -1.02 -13.29 3.24
C LYS A 181 -0.87 -13.50 1.72
N THR A 182 -0.77 -14.77 1.33
CA THR A 182 -0.50 -15.19 -0.07
C THR A 182 -1.54 -14.76 -1.09
N PHE A 183 -2.80 -15.19 -0.95
CA PHE A 183 -3.78 -14.88 -2.00
C PHE A 183 -4.16 -13.38 -2.12
N PRO A 184 -4.29 -12.66 -0.98
CA PRO A 184 -4.54 -11.22 -1.11
C PRO A 184 -3.39 -10.50 -1.82
N ASN A 185 -2.15 -10.88 -1.53
CA ASN A 185 -1.02 -10.23 -2.23
C ASN A 185 -0.82 -10.62 -3.70
N LEU A 186 -0.96 -11.90 -4.02
CA LEU A 186 -0.92 -12.28 -5.46
C LEU A 186 -2.01 -11.56 -6.25
N TYR A 187 -3.23 -11.50 -5.72
CA TYR A 187 -4.26 -10.83 -6.48
C TYR A 187 -4.10 -9.28 -6.54
N THR A 188 -3.48 -8.66 -5.50
CA THR A 188 -3.07 -7.23 -5.58
C THR A 188 -2.02 -7.01 -6.71
N LEU A 189 -1.03 -7.93 -6.78
CA LEU A 189 -0.04 -7.87 -7.88
C LEU A 189 -0.73 -7.94 -9.25
N ALA A 190 -1.77 -8.78 -9.37
CA ALA A 190 -2.49 -8.95 -10.65
C ALA A 190 -3.39 -7.78 -11.03
N THR A 191 -3.88 -7.02 -10.05
CA THR A 191 -4.97 -6.03 -10.31
C THR A 191 -4.67 -4.56 -9.99
N GLY A 192 -3.62 -4.30 -9.21
CA GLY A 192 -3.41 -2.93 -8.70
C GLY A 192 -4.38 -2.45 -7.64
N LEU A 193 -5.22 -3.35 -7.10
CA LEU A 193 -6.25 -2.99 -6.10
C LEU A 193 -5.91 -3.40 -4.67
N TYR A 194 -6.32 -2.59 -3.68
CA TYR A 194 -6.39 -3.07 -2.28
C TYR A 194 -7.32 -4.32 -2.14
N PRO A 195 -6.97 -5.28 -1.28
CA PRO A 195 -7.90 -6.40 -1.00
C PRO A 195 -9.35 -6.00 -0.72
N GLU A 196 -9.62 -4.91 0.02
CA GLU A 196 -11.03 -4.44 0.21
C GLU A 196 -11.80 -4.19 -1.12
N SER A 197 -11.08 -3.83 -2.18
CA SER A 197 -11.68 -3.58 -3.48
C SER A 197 -11.69 -4.80 -4.38
N HIS A 198 -10.60 -5.58 -4.39
CA HIS A 198 -10.60 -6.83 -5.21
C HIS A 198 -11.41 -8.02 -4.60
N GLY A 199 -11.60 -7.97 -3.30
CA GLY A 199 -12.47 -8.98 -2.64
C GLY A 199 -11.77 -10.15 -1.99
N ILE A 200 -10.48 -10.33 -2.27
CA ILE A 200 -9.71 -11.39 -1.65
C ILE A 200 -9.05 -10.88 -0.33
N VAL A 201 -9.82 -10.89 0.77
CA VAL A 201 -9.50 -10.09 1.98
C VAL A 201 -8.74 -10.95 3.00
N GLY A 202 -8.65 -12.24 2.72
CA GLY A 202 -7.82 -13.16 3.51
C GLY A 202 -7.69 -14.49 2.75
N ASN A 203 -6.96 -15.43 3.35
CA ASN A 203 -6.88 -16.79 2.79
C ASN A 203 -8.16 -17.59 3.12
N SER A 204 -8.89 -17.15 4.16
CA SER A 204 -10.20 -17.69 4.54
C SER A 204 -11.28 -16.57 4.63
N MET A 205 -12.48 -16.77 4.03
CA MET A 205 -13.57 -15.74 4.02
C MET A 205 -15.00 -16.27 4.03
N TYR A 206 -15.90 -15.51 4.66
CA TYR A 206 -17.36 -15.72 4.56
C TYR A 206 -18.02 -14.52 3.87
N ASP A 207 -18.81 -14.76 2.82
CA ASP A 207 -19.58 -13.69 2.20
C ASP A 207 -21.10 -13.84 2.56
N PRO A 208 -21.63 -12.90 3.37
CA PRO A 208 -22.99 -13.06 3.91
C PRO A 208 -24.11 -12.86 2.88
N VAL A 209 -23.83 -12.16 1.78
CA VAL A 209 -24.77 -12.00 0.65
C VAL A 209 -24.90 -13.30 -0.15
N PHE A 210 -23.75 -13.92 -0.45
CA PHE A 210 -23.69 -15.23 -1.07
C PHE A 210 -24.17 -16.32 -0.10
N ASP A 211 -24.05 -16.06 1.20
CA ASP A 211 -24.00 -17.11 2.23
C ASP A 211 -23.08 -18.22 1.70
N ALA A 212 -21.81 -17.89 1.48
CA ALA A 212 -20.86 -18.92 1.06
C ALA A 212 -19.51 -18.63 1.66
N SER A 213 -18.71 -19.68 1.84
CA SER A 213 -17.32 -19.58 2.37
C SER A 213 -16.22 -19.90 1.32
N PHE A 214 -15.16 -19.08 1.33
CA PHE A 214 -13.90 -19.28 0.55
C PHE A 214 -12.83 -19.89 1.47
N HIS A 215 -12.16 -20.94 0.99
CA HIS A 215 -11.07 -21.65 1.74
C HIS A 215 -9.83 -21.93 0.87
N LEU A 216 -8.67 -22.09 1.51
CA LEU A 216 -7.42 -22.50 0.85
C LEU A 216 -7.60 -23.84 0.12
N ARG A 217 -7.87 -24.90 0.90
CA ARG A 217 -8.26 -26.22 0.36
C ARG A 217 -9.68 -26.16 -0.19
N GLY A 218 -9.87 -26.62 -1.43
CA GLY A 218 -11.22 -26.91 -1.94
C GLY A 218 -11.70 -26.24 -3.20
N ARG A 219 -12.94 -26.56 -3.55
CA ARG A 219 -13.54 -26.18 -4.83
C ARG A 219 -14.07 -24.73 -4.91
N GLU A 220 -14.63 -24.20 -3.82
CA GLU A 220 -15.34 -22.87 -3.82
C GLU A 220 -14.48 -21.69 -4.34
N LYS A 221 -13.19 -21.69 -3.99
CA LYS A 221 -12.22 -20.70 -4.48
C LYS A 221 -12.12 -20.53 -6.02
N PHE A 222 -12.48 -21.57 -6.79
CA PHE A 222 -12.53 -21.52 -8.26
C PHE A 222 -13.72 -20.72 -8.83
N ASN A 223 -14.76 -20.51 -8.02
CA ASN A 223 -15.94 -19.74 -8.44
C ASN A 223 -15.61 -18.24 -8.69
N HIS A 224 -15.92 -17.77 -9.90
CA HIS A 224 -15.52 -16.44 -10.40
C HIS A 224 -16.04 -15.24 -9.56
N ARG A 225 -17.17 -15.45 -8.88
CA ARG A 225 -17.80 -14.42 -8.06
C ARG A 225 -16.94 -13.90 -6.88
N TRP A 226 -15.91 -14.65 -6.48
CA TRP A 226 -15.01 -14.16 -5.41
C TRP A 226 -14.06 -13.05 -5.90
N TRP A 227 -13.74 -13.08 -7.19
CA TRP A 227 -12.57 -12.37 -7.69
C TRP A 227 -12.98 -11.13 -8.42
N GLY A 228 -12.76 -9.96 -7.81
CA GLY A 228 -13.20 -8.67 -8.41
C GLY A 228 -12.10 -7.96 -9.21
N GLY A 229 -12.37 -6.75 -9.68
CA GLY A 229 -11.40 -5.99 -10.51
C GLY A 229 -11.12 -6.64 -11.85
N GLN A 230 -10.01 -6.28 -12.47
CA GLN A 230 -9.64 -6.86 -13.76
C GLN A 230 -8.13 -7.20 -13.75
N PRO A 231 -7.79 -8.49 -13.60
CA PRO A 231 -6.35 -8.90 -13.55
C PRO A 231 -5.63 -8.77 -14.89
N LEU A 232 -4.28 -8.74 -14.83
CA LEU A 232 -3.44 -8.42 -15.97
C LEU A 232 -3.70 -9.29 -17.22
N TRP A 233 -3.87 -10.61 -17.01
CA TRP A 233 -4.20 -11.56 -18.15
C TRP A 233 -5.50 -11.18 -18.90
N ILE A 234 -6.52 -10.68 -18.17
CA ILE A 234 -7.80 -10.20 -18.74
C ILE A 234 -7.61 -8.85 -19.44
N THR A 235 -6.89 -7.93 -18.78
CA THR A 235 -6.53 -6.64 -19.41
C THR A 235 -5.79 -6.87 -20.77
N ALA A 236 -4.81 -7.79 -20.79
CA ALA A 236 -4.05 -8.08 -22.00
C ALA A 236 -5.00 -8.62 -23.13
N THR A 237 -5.82 -9.62 -22.79
CA THR A 237 -6.68 -10.31 -23.74
C THR A 237 -7.66 -9.34 -24.40
N LYS A 238 -8.38 -8.56 -23.57
CA LYS A 238 -9.33 -7.52 -24.06
C LYS A 238 -8.73 -6.54 -25.06
N GLN A 239 -7.42 -6.30 -24.95
CA GLN A 239 -6.72 -5.34 -25.78
C GLN A 239 -5.86 -6.03 -26.84
N GLY A 240 -6.11 -7.33 -27.04
CA GLY A 240 -5.49 -8.10 -28.10
C GLY A 240 -4.02 -8.45 -27.92
N VAL A 241 -3.56 -8.49 -26.67
CA VAL A 241 -2.24 -8.99 -26.32
C VAL A 241 -2.45 -10.40 -25.75
N ARG A 242 -1.78 -11.41 -26.33
CA ARG A 242 -1.96 -12.81 -25.91
C ARG A 242 -1.20 -13.10 -24.61
N ALA A 243 -1.88 -13.77 -23.69
CA ALA A 243 -1.28 -14.11 -22.41
C ALA A 243 -1.06 -15.64 -22.23
N GLY A 244 0.12 -16.02 -21.73
CA GLY A 244 0.41 -17.41 -21.31
C GLY A 244 -0.40 -17.69 -20.05
N THR A 245 -0.95 -18.91 -19.89
CA THR A 245 -1.75 -19.23 -18.69
C THR A 245 -0.88 -19.10 -17.43
N PHE A 246 -1.29 -18.20 -16.52
CA PHE A 246 -0.49 -17.74 -15.36
C PHE A 246 -0.27 -18.79 -14.23
N PHE A 247 -1.11 -19.82 -14.20
CA PHE A 247 -1.21 -20.69 -13.03
C PHE A 247 -0.76 -22.11 -13.32
N TRP A 248 -0.09 -22.70 -12.34
CA TRP A 248 0.54 -24.00 -12.51
C TRP A 248 0.05 -24.94 -11.40
N SER A 249 -0.48 -26.09 -11.79
CA SER A 249 -0.81 -27.16 -10.84
C SER A 249 0.44 -27.60 -10.08
N VAL A 250 0.28 -27.80 -8.78
CA VAL A 250 1.43 -27.93 -7.83
C VAL A 250 2.37 -29.11 -8.16
N SER A 251 1.80 -30.20 -8.70
CA SER A 251 2.57 -31.40 -9.04
C SER A 251 3.43 -31.26 -10.31
N ILE A 252 3.19 -30.22 -11.12
CA ILE A 252 4.04 -29.99 -12.30
C ILE A 252 5.36 -29.43 -11.79
N PRO A 253 6.47 -30.16 -12.02
CA PRO A 253 7.72 -29.65 -11.44
C PRO A 253 8.25 -28.36 -12.11
N HIS A 254 9.07 -27.62 -11.36
CA HIS A 254 9.62 -26.35 -11.80
C HIS A 254 10.32 -26.41 -13.14
N GLU A 255 11.07 -27.49 -13.36
CA GLU A 255 11.83 -27.65 -14.60
C GLU A 255 10.91 -27.72 -15.82
N ARG A 256 9.76 -28.36 -15.64
CA ARG A 256 8.79 -28.52 -16.71
C ARG A 256 8.06 -27.20 -16.95
N ARG A 257 7.82 -26.40 -15.91
CA ARG A 257 7.17 -25.08 -16.09
C ARG A 257 8.06 -24.19 -16.96
N ILE A 258 9.36 -24.18 -16.66
CA ILE A 258 10.34 -23.39 -17.41
C ILE A 258 10.39 -23.85 -18.87
N LEU A 259 10.43 -25.16 -19.09
CA LEU A 259 10.51 -25.69 -20.46
C LEU A 259 9.27 -25.34 -21.27
N THR A 260 8.09 -25.40 -20.65
CA THR A 260 6.84 -25.04 -21.28
C THR A 260 6.82 -23.54 -21.73
N ILE A 261 7.24 -22.64 -20.83
CA ILE A 261 7.42 -21.22 -21.16
C ILE A 261 8.33 -21.07 -22.36
N LEU A 262 9.47 -21.76 -22.36
CA LEU A 262 10.44 -21.63 -23.43
C LEU A 262 9.89 -22.18 -24.76
N GLN A 263 9.10 -23.25 -24.69
CA GLN A 263 8.43 -23.82 -25.85
C GLN A 263 7.38 -22.86 -26.41
N TRP A 264 6.60 -22.22 -25.53
CA TRP A 264 5.62 -21.20 -25.96
C TRP A 264 6.27 -20.03 -26.68
N LEU A 265 7.50 -19.70 -26.26
CA LEU A 265 8.26 -18.61 -26.87
C LEU A 265 8.75 -18.96 -28.28
N SER A 266 8.67 -20.24 -28.64
CA SER A 266 8.99 -20.69 -30.01
C SER A 266 7.76 -20.82 -30.91
N LEU A 267 6.56 -20.53 -30.39
CA LEU A 267 5.37 -20.61 -31.23
C LEU A 267 5.44 -19.60 -32.42
N PRO A 268 4.66 -19.83 -33.50
CA PRO A 268 4.58 -18.83 -34.58
C PRO A 268 4.05 -17.49 -34.05
N ASP A 269 4.49 -16.39 -34.69
CA ASP A 269 4.15 -15.00 -34.34
C ASP A 269 2.67 -14.77 -33.98
N ASN A 270 1.76 -15.28 -34.80
CA ASN A 270 0.34 -15.14 -34.54
C ASN A 270 -0.21 -15.93 -33.33
N GLU A 271 0.54 -16.90 -32.80
CA GLU A 271 0.05 -17.74 -31.69
C GLU A 271 0.78 -17.50 -30.36
N ARG A 272 1.95 -16.90 -30.44
CA ARG A 272 2.87 -16.75 -29.32
C ARG A 272 2.38 -15.69 -28.31
N PRO A 273 2.33 -16.05 -27.00
CA PRO A 273 1.96 -14.99 -26.03
C PRO A 273 3.03 -13.94 -25.87
N SER A 274 2.61 -12.76 -25.40
CA SER A 274 3.52 -11.67 -25.07
C SER A 274 3.81 -11.54 -23.56
N VAL A 275 2.99 -12.16 -22.72
CA VAL A 275 3.20 -12.10 -21.27
C VAL A 275 3.13 -13.53 -20.71
N TYR A 276 4.04 -13.82 -19.79
CA TYR A 276 4.18 -15.15 -19.13
C TYR A 276 4.34 -15.00 -17.61
N ALA A 277 3.98 -16.07 -16.87
CA ALA A 277 4.18 -16.11 -15.42
C ALA A 277 4.75 -17.46 -14.94
N PHE A 278 5.72 -17.39 -14.04
CA PHE A 278 6.23 -18.57 -13.29
C PHE A 278 5.99 -18.26 -11.81
N TYR A 279 5.51 -19.25 -11.04
CA TYR A 279 5.28 -19.14 -9.60
C TYR A 279 6.05 -20.26 -8.89
N SER A 280 6.74 -19.87 -7.83
CA SER A 280 7.45 -20.80 -6.92
C SER A 280 6.80 -20.77 -5.53
N GLU A 281 6.47 -21.96 -5.01
CA GLU A 281 5.99 -22.16 -3.65
C GLU A 281 7.07 -21.93 -2.60
N GLN A 282 8.34 -21.90 -3.03
CA GLN A 282 9.49 -21.68 -2.16
C GLN A 282 9.91 -20.19 -2.28
N PRO A 283 10.46 -19.59 -1.22
CA PRO A 283 10.93 -20.29 0.02
C PRO A 283 9.86 -20.39 1.13
N ASP A 284 8.64 -19.90 0.88
CA ASP A 284 7.54 -19.94 1.86
C ASP A 284 7.36 -21.32 2.51
N PHE A 285 7.28 -22.36 1.67
CA PHE A 285 7.00 -23.71 2.18
C PHE A 285 7.99 -24.10 3.32
N SER A 286 9.28 -23.95 3.09
CA SER A 286 10.28 -24.28 4.10
C SER A 286 10.31 -23.28 5.28
N GLY A 287 10.04 -22.00 5.00
CA GLY A 287 10.08 -20.92 6.03
C GLY A 287 9.04 -21.17 7.12
N HIS A 288 7.87 -21.69 6.75
CA HIS A 288 6.86 -22.04 7.74
C HIS A 288 7.42 -23.13 8.70
N LYS A 289 8.14 -24.09 8.11
CA LYS A 289 8.68 -25.23 8.90
C LYS A 289 9.87 -24.87 9.75
N TYR A 290 10.81 -24.09 9.19
CA TYR A 290 12.13 -23.86 9.80
C TYR A 290 12.40 -22.43 10.28
N GLY A 291 11.45 -21.50 10.08
CA GLY A 291 11.68 -20.07 10.41
C GLY A 291 12.42 -19.37 9.29
N PRO A 292 12.36 -18.01 9.22
CA PRO A 292 12.94 -17.28 8.07
C PRO A 292 14.43 -17.51 7.87
N PHE A 293 15.17 -17.69 8.95
CA PHE A 293 16.63 -17.91 8.84
C PHE A 293 17.17 -19.28 9.33
N GLY A 294 16.28 -20.26 9.42
CA GLY A 294 16.69 -21.65 9.76
C GLY A 294 17.81 -22.14 8.86
N PRO A 295 18.77 -22.97 9.40
CA PRO A 295 19.85 -23.50 8.57
C PRO A 295 19.33 -24.24 7.35
N GLU A 296 18.13 -24.79 7.47
CA GLU A 296 17.47 -25.54 6.35
C GLU A 296 17.04 -24.61 5.19
N MET A 297 17.14 -23.29 5.37
CA MET A 297 16.65 -22.33 4.34
C MET A 297 17.65 -22.10 3.20
N THR A 298 18.92 -22.53 3.39
CA THR A 298 19.94 -22.25 2.37
C THR A 298 19.62 -23.02 1.08
N ASN A 299 19.30 -24.31 1.23
CA ASN A 299 18.98 -25.16 0.11
C ASN A 299 17.81 -24.69 -0.79
N PRO A 300 16.65 -24.29 -0.19
CA PRO A 300 15.57 -23.73 -1.03
C PRO A 300 16.01 -22.50 -1.84
N LEU A 301 16.82 -21.61 -1.24
CA LEU A 301 17.37 -20.45 -1.93
C LEU A 301 18.27 -20.83 -3.09
N ARG A 302 19.17 -21.79 -2.88
CA ARG A 302 19.98 -22.38 -3.97
C ARG A 302 19.10 -22.91 -5.12
N GLU A 303 18.05 -23.64 -4.78
CA GLU A 303 17.20 -24.27 -5.81
C GLU A 303 16.41 -23.22 -6.63
N ILE A 304 15.91 -22.18 -5.96
CA ILE A 304 15.32 -21.03 -6.72
C ILE A 304 16.34 -20.41 -7.68
N ASP A 305 17.54 -20.14 -7.19
CA ASP A 305 18.55 -19.55 -8.07
C ASP A 305 18.85 -20.40 -9.31
N LYS A 306 18.97 -21.71 -9.09
CA LYS A 306 19.17 -22.68 -10.17
C LYS A 306 18.05 -22.60 -11.23
N THR A 307 16.80 -22.45 -10.79
CA THR A 307 15.64 -22.26 -11.68
C THR A 307 15.75 -20.99 -12.52
N VAL A 308 16.17 -19.88 -11.88
CA VAL A 308 16.41 -18.64 -12.59
C VAL A 308 17.50 -18.83 -13.65
N GLY A 309 18.59 -19.54 -13.28
CA GLY A 309 19.68 -19.91 -14.19
C GLY A 309 19.21 -20.65 -15.43
N GLN A 310 18.31 -21.63 -15.23
CA GLN A 310 17.72 -22.41 -16.33
C GLN A 310 16.89 -21.54 -17.31
N LEU A 311 16.09 -20.62 -16.75
CA LEU A 311 15.36 -19.64 -17.57
C LEU A 311 16.30 -18.77 -18.39
N MET A 312 17.31 -18.17 -17.74
CA MET A 312 18.20 -17.23 -18.41
C MET A 312 19.08 -17.92 -19.47
N ASP A 313 19.53 -19.13 -19.16
CA ASP A 313 20.24 -19.97 -20.15
C ASP A 313 19.34 -20.32 -21.31
N GLY A 314 18.09 -20.67 -21.02
CA GLY A 314 17.13 -20.97 -22.04
C GLY A 314 16.78 -19.81 -22.94
N LEU A 315 16.68 -18.58 -22.37
CA LEU A 315 16.38 -17.38 -23.19
C LEU A 315 17.61 -17.09 -24.07
N LYS A 316 18.81 -17.21 -23.50
CA LYS A 316 20.04 -17.00 -24.25
C LYS A 316 20.10 -17.92 -25.50
N GLN A 317 19.86 -19.23 -25.32
CA GLN A 317 19.73 -20.21 -26.45
C GLN A 317 18.83 -19.73 -27.56
N LEU A 318 17.75 -19.08 -27.19
CA LEU A 318 16.77 -18.61 -28.14
C LEU A 318 17.06 -17.18 -28.63
N ARG A 319 18.22 -16.65 -28.25
CA ARG A 319 18.63 -15.25 -28.53
C ARG A 319 17.57 -14.23 -28.05
N LEU A 320 17.01 -14.49 -26.85
CA LEU A 320 15.96 -13.66 -26.25
C LEU A 320 16.39 -12.95 -24.96
N HIS A 321 17.64 -13.17 -24.55
CA HIS A 321 18.18 -12.66 -23.27
C HIS A 321 18.42 -11.15 -23.24
N ARG A 322 18.37 -10.52 -24.40
CA ARG A 322 18.49 -9.06 -24.53
C ARG A 322 17.23 -8.50 -25.22
N CYS A 323 16.15 -9.26 -25.14
CA CYS A 323 14.88 -8.92 -25.73
C CYS A 323 13.74 -8.93 -24.66
N VAL A 324 13.70 -9.94 -23.78
CA VAL A 324 12.63 -10.10 -22.78
C VAL A 324 12.82 -9.16 -21.52
N ASN A 325 11.72 -8.61 -21.00
CA ASN A 325 11.78 -7.94 -19.68
C ASN A 325 11.39 -8.99 -18.63
N VAL A 326 12.21 -9.09 -17.58
CA VAL A 326 12.01 -10.10 -16.54
C VAL A 326 11.73 -9.36 -15.23
N ILE A 327 10.66 -9.72 -14.54
CA ILE A 327 10.39 -9.20 -13.18
C ILE A 327 10.52 -10.36 -12.19
N PHE A 328 11.30 -10.15 -11.13
CA PHE A 328 11.48 -11.08 -10.00
C PHE A 328 10.85 -10.38 -8.80
N VAL A 329 9.76 -10.94 -8.27
CA VAL A 329 8.92 -10.25 -7.33
C VAL A 329 8.40 -11.24 -6.27
N GLY A 330 8.35 -10.84 -5.01
CA GLY A 330 7.72 -11.69 -3.97
C GLY A 330 6.35 -11.21 -3.54
N ASP A 331 5.61 -12.04 -2.80
CA ASP A 331 4.29 -11.64 -2.32
C ASP A 331 4.34 -11.06 -0.88
N HIS A 332 5.26 -11.55 -0.03
CA HIS A 332 5.38 -11.08 1.40
C HIS A 332 6.63 -11.76 1.95
N GLY A 333 7.09 -11.34 3.13
CA GLY A 333 8.24 -12.00 3.79
C GLY A 333 7.78 -13.12 4.74
N MET A 334 8.49 -13.25 5.87
CA MET A 334 8.32 -14.37 6.82
C MET A 334 8.98 -13.96 8.14
N GLU A 335 8.29 -14.26 9.25
CA GLU A 335 8.70 -13.90 10.61
C GLU A 335 8.84 -15.18 11.47
N ASP A 336 9.63 -15.08 12.56
CA ASP A 336 9.75 -16.19 13.56
C ASP A 336 8.51 -16.20 14.40
N VAL A 337 7.75 -17.31 14.34
CA VAL A 337 6.51 -17.44 15.09
C VAL A 337 6.45 -18.93 15.52
N THR A 338 6.17 -19.19 16.80
CA THR A 338 6.07 -20.58 17.33
C THR A 338 4.79 -20.78 18.19
N CYS A 339 4.39 -22.05 18.37
CA CYS A 339 3.15 -22.44 19.11
C CYS A 339 2.99 -21.82 20.49
N ASP A 340 4.09 -21.67 21.23
CA ASP A 340 4.03 -21.12 22.58
C ASP A 340 3.80 -19.60 22.64
N ARG A 341 3.95 -18.91 21.50
CA ARG A 341 3.58 -17.48 21.40
C ARG A 341 2.18 -17.35 20.81
N THR A 342 1.18 -17.86 21.54
CA THR A 342 -0.20 -17.77 21.14
C THR A 342 -0.99 -17.18 22.30
N GLU A 343 -1.81 -16.16 22.02
CA GLU A 343 -2.77 -15.61 22.97
C GLU A 343 -4.09 -16.33 22.72
N PHE A 344 -4.80 -16.67 23.79
CA PHE A 344 -6.10 -17.38 23.68
C PHE A 344 -7.26 -16.50 24.09
N LEU A 345 -8.27 -16.40 23.23
CA LEU A 345 -9.44 -15.58 23.54
C LEU A 345 -10.22 -16.11 24.77
N SER A 346 -10.05 -17.39 25.06
CA SER A 346 -10.62 -18.05 26.26
C SER A 346 -10.00 -17.52 27.57
N ASN A 347 -8.86 -16.83 27.48
CA ASN A 347 -8.30 -16.15 28.66
C ASN A 347 -8.83 -14.72 28.91
N TYR A 348 -9.82 -14.30 28.12
CA TYR A 348 -10.37 -12.95 28.15
C TYR A 348 -11.87 -12.95 28.17
N LEU A 349 -12.47 -13.87 27.44
CA LEU A 349 -13.90 -13.90 27.23
C LEU A 349 -14.51 -15.10 27.97
N THR A 350 -15.68 -14.90 28.57
CA THR A 350 -16.41 -16.05 29.15
C THR A 350 -17.25 -16.75 28.08
N ASN A 351 -17.92 -15.96 27.22
CA ASN A 351 -18.81 -16.48 26.17
C ASN A 351 -18.14 -16.98 24.87
N VAL A 352 -16.94 -17.55 25.00
CA VAL A 352 -16.10 -17.95 23.84
C VAL A 352 -16.81 -18.85 22.79
N ASP A 353 -17.88 -19.53 23.16
CA ASP A 353 -18.62 -20.40 22.23
C ASP A 353 -19.70 -19.70 21.39
N ASP A 354 -19.99 -18.44 21.70
CA ASP A 354 -20.93 -17.65 20.92
C ASP A 354 -20.22 -16.90 19.75
N ILE A 355 -18.90 -17.11 19.61
CA ILE A 355 -18.10 -16.44 18.54
C ILE A 355 -17.43 -17.38 17.54
N THR A 356 -17.28 -16.87 16.31
CA THR A 356 -16.47 -17.48 15.25
C THR A 356 -15.23 -16.57 15.12
N LEU A 357 -14.04 -17.16 15.29
CA LEU A 357 -12.76 -16.48 15.03
C LEU A 357 -12.05 -17.01 13.78
N VAL A 358 -11.67 -16.09 12.88
CA VAL A 358 -10.63 -16.38 11.87
C VAL A 358 -9.30 -16.06 12.55
N PRO A 359 -8.44 -17.09 12.77
CA PRO A 359 -7.32 -16.99 13.67
C PRO A 359 -5.94 -16.85 13.01
N GLY A 360 -4.91 -16.65 13.84
CA GLY A 360 -3.49 -16.73 13.43
C GLY A 360 -2.75 -15.42 13.58
N THR A 361 -2.22 -14.90 12.46
CA THR A 361 -1.42 -13.65 12.51
C THR A 361 -2.27 -12.38 12.40
N LEU A 362 -3.58 -12.56 12.26
CA LEU A 362 -4.61 -11.51 12.40
C LEU A 362 -5.81 -12.22 13.02
N GLY A 363 -6.75 -11.45 13.56
CA GLY A 363 -7.99 -12.02 14.05
C GLY A 363 -9.18 -11.33 13.44
N ARG A 364 -10.19 -12.11 13.07
CA ARG A 364 -11.49 -11.55 12.65
C ARG A 364 -12.60 -12.29 13.39
N ILE A 365 -13.50 -11.53 14.02
CA ILE A 365 -14.54 -12.09 14.94
C ILE A 365 -15.93 -11.74 14.45
N ARG A 366 -16.83 -12.73 14.43
CA ARG A 366 -18.25 -12.47 14.24
C ARG A 366 -19.09 -13.41 15.12
N ALA A 367 -20.42 -13.21 15.17
CA ALA A 367 -21.31 -14.08 15.95
C ALA A 367 -21.34 -15.48 15.33
N LYS A 368 -21.27 -16.51 16.17
CA LYS A 368 -21.49 -17.90 15.73
C LYS A 368 -22.88 -18.08 15.05
N SER A 369 -23.93 -17.48 15.63
CA SER A 369 -25.28 -17.55 15.04
C SER A 369 -25.97 -16.17 14.88
N ILE A 370 -26.48 -15.88 13.67
CA ILE A 370 -27.26 -14.64 13.41
C ILE A 370 -28.66 -14.58 14.08
N ASN A 371 -29.05 -15.68 14.73
CA ASN A 371 -30.30 -15.74 15.51
C ASN A 371 -30.13 -15.42 17.00
N ASN A 372 -28.88 -15.36 17.48
CA ASN A 372 -28.59 -14.93 18.85
C ASN A 372 -28.49 -13.39 18.99
N SER A 373 -29.55 -12.79 19.53
CA SER A 373 -29.63 -11.33 19.72
C SER A 373 -29.01 -10.84 21.04
N LYS A 374 -28.38 -11.76 21.79
CA LYS A 374 -27.61 -11.43 23.01
C LYS A 374 -26.09 -11.26 22.76
N TYR A 375 -25.65 -11.51 21.53
CA TYR A 375 -24.27 -11.22 21.08
C TYR A 375 -24.09 -9.70 21.01
N ASP A 376 -23.11 -9.18 21.74
CA ASP A 376 -22.84 -7.74 21.75
C ASP A 376 -21.37 -7.46 21.41
N PRO A 377 -21.09 -6.84 20.24
CA PRO A 377 -19.70 -6.50 19.87
C PRO A 377 -19.05 -5.51 20.81
N LYS A 378 -19.86 -4.61 21.38
CA LYS A 378 -19.38 -3.59 22.30
C LYS A 378 -18.70 -4.22 23.51
N THR A 379 -19.34 -5.22 24.11
CA THR A 379 -18.75 -5.87 25.30
C THR A 379 -17.58 -6.82 24.97
N ILE A 380 -17.58 -7.41 23.77
CA ILE A 380 -16.44 -8.21 23.32
C ILE A 380 -15.17 -7.35 23.20
N ILE A 381 -15.29 -6.21 22.50
CA ILE A 381 -14.20 -5.23 22.40
C ILE A 381 -13.66 -4.79 23.77
N ALA A 382 -14.57 -4.40 24.67
CA ALA A 382 -14.12 -3.98 26.00
C ALA A 382 -13.40 -5.10 26.78
N ALA A 383 -13.91 -6.33 26.70
CA ALA A 383 -13.24 -7.49 27.32
C ALA A 383 -11.86 -7.81 26.71
N LEU A 384 -11.59 -7.33 25.49
CA LEU A 384 -10.27 -7.56 24.81
C LEU A 384 -9.31 -6.37 24.89
N THR A 385 -9.73 -5.29 25.56
CA THR A 385 -9.00 -4.04 25.58
C THR A 385 -8.16 -3.84 26.80
N CYS A 386 -6.84 -3.77 26.58
CA CYS A 386 -5.82 -3.48 27.59
C CYS A 386 -5.93 -4.31 28.89
N LYS A 387 -6.14 -5.61 28.74
CA LYS A 387 -6.47 -6.47 29.88
C LYS A 387 -5.30 -7.10 30.64
N LYS A 388 -4.16 -7.24 29.96
CA LYS A 388 -2.95 -7.87 30.50
C LYS A 388 -1.79 -6.95 30.14
N PRO A 389 -0.81 -6.76 31.05
CA PRO A 389 0.31 -5.84 30.82
C PRO A 389 1.12 -6.10 29.53
N ASP A 390 1.29 -7.35 29.13
CA ASP A 390 2.10 -7.65 27.94
C ASP A 390 1.28 -7.93 26.68
N GLN A 391 -0.05 -7.72 26.76
CA GLN A 391 -1.04 -8.22 25.78
C GLN A 391 -0.51 -8.12 24.35
N HIS A 392 -0.53 -9.21 23.59
CA HIS A 392 0.15 -9.22 22.27
C HIS A 392 -0.77 -9.06 21.04
N PHE A 393 -1.95 -8.49 21.25
CA PHE A 393 -2.87 -8.12 20.18
C PHE A 393 -3.68 -6.89 20.63
N LYS A 394 -4.23 -6.17 19.67
CA LYS A 394 -5.06 -4.98 19.96
C LYS A 394 -6.35 -5.07 19.16
N PRO A 395 -7.51 -5.04 19.84
CA PRO A 395 -8.79 -5.10 19.14
C PRO A 395 -9.20 -3.75 18.57
N TYR A 396 -9.89 -3.80 17.43
CA TYR A 396 -10.39 -2.60 16.75
C TYR A 396 -11.73 -2.88 16.11
N MET A 397 -12.62 -1.89 16.10
CA MET A 397 -13.69 -1.89 15.09
C MET A 397 -13.00 -1.55 13.75
N LYS A 398 -13.39 -2.20 12.65
CA LYS A 398 -12.61 -2.09 11.37
C LYS A 398 -12.41 -0.65 10.90
N GLN A 399 -13.42 0.18 11.11
CA GLN A 399 -13.34 1.59 10.73
C GLN A 399 -12.33 2.40 11.58
N HIS A 400 -11.91 1.87 12.72
CA HIS A 400 -10.84 2.49 13.52
C HIS A 400 -9.42 2.05 13.21
N LEU A 401 -9.26 1.01 12.38
CA LEU A 401 -7.90 0.62 11.97
C LEU A 401 -7.20 1.82 11.24
N PRO A 402 -5.86 1.93 11.37
CA PRO A 402 -5.05 2.93 10.66
C PRO A 402 -5.47 2.98 9.21
N LYS A 403 -5.74 4.18 8.72
CA LYS A 403 -6.25 4.34 7.36
C LYS A 403 -5.26 3.84 6.28
N ARG A 404 -3.95 3.84 6.59
CA ARG A 404 -2.93 3.30 5.65
C ARG A 404 -3.13 1.83 5.29
N LEU A 405 -3.79 1.06 6.16
CA LEU A 405 -4.12 -0.36 5.84
C LEU A 405 -5.20 -0.57 4.78
N HIS A 406 -6.05 0.44 4.60
CA HIS A 406 -7.17 0.42 3.64
C HIS A 406 -7.98 -0.88 3.78
N TYR A 407 -8.34 -1.22 5.02
CA TYR A 407 -8.88 -2.57 5.29
C TYR A 407 -10.24 -2.50 6.02
N ALA A 408 -11.26 -2.05 5.30
CA ALA A 408 -12.60 -1.93 5.91
C ALA A 408 -13.77 -2.06 4.98
N ASN A 409 -13.68 -1.46 3.78
CA ASN A 409 -14.84 -1.34 2.86
C ASN A 409 -15.15 -2.63 2.08
N ASN A 410 -15.50 -3.70 2.79
CA ASN A 410 -15.89 -4.96 2.13
C ASN A 410 -16.74 -5.74 3.11
N ARG A 411 -17.90 -6.23 2.67
CA ARG A 411 -18.80 -7.07 3.54
C ARG A 411 -18.14 -8.36 4.05
N ARG A 412 -17.05 -8.77 3.39
CA ARG A 412 -16.30 -9.95 3.84
C ARG A 412 -15.32 -9.70 5.01
N ILE A 413 -15.13 -8.44 5.38
CA ILE A 413 -14.23 -8.09 6.49
C ILE A 413 -15.12 -7.86 7.72
N GLU A 414 -14.92 -8.68 8.75
CA GLU A 414 -15.76 -8.64 9.96
C GLU A 414 -15.54 -7.31 10.71
N ASP A 415 -16.61 -6.80 11.33
CA ASP A 415 -16.55 -5.56 12.14
C ASP A 415 -15.44 -5.52 13.19
N ILE A 416 -15.23 -6.64 13.88
CA ILE A 416 -14.20 -6.76 14.90
C ILE A 416 -12.95 -7.36 14.29
N HIS A 417 -11.81 -6.68 14.53
CA HIS A 417 -10.50 -7.07 14.01
C HIS A 417 -9.50 -7.03 15.12
N LEU A 418 -8.56 -7.99 15.11
CA LEU A 418 -7.43 -7.99 16.02
C LEU A 418 -6.13 -7.78 15.26
N LEU A 419 -5.39 -6.73 15.58
CA LEU A 419 -4.05 -6.57 15.04
C LEU A 419 -3.08 -7.26 15.97
N VAL A 420 -2.42 -8.29 15.46
CA VAL A 420 -1.54 -9.17 16.27
C VAL A 420 -0.09 -8.67 16.24
N ASP A 421 0.58 -8.56 17.39
CA ASP A 421 2.02 -8.22 17.38
C ASP A 421 2.84 -9.20 16.54
N ARG A 422 3.91 -8.69 15.90
CA ARG A 422 4.81 -9.54 15.13
C ARG A 422 5.34 -10.64 16.08
N ARG A 423 5.50 -11.87 15.57
CA ARG A 423 6.06 -13.01 16.33
CA ARG A 423 6.06 -13.03 16.32
C ARG A 423 5.01 -13.81 17.10
N TRP A 424 3.76 -13.31 17.09
CA TRP A 424 2.63 -13.93 17.81
C TRP A 424 1.48 -14.46 16.95
N HIS A 425 0.69 -15.36 17.56
CA HIS A 425 -0.58 -15.81 17.03
C HIS A 425 -1.73 -15.47 18.00
N VAL A 426 -2.94 -15.37 17.49
CA VAL A 426 -4.16 -15.39 18.29
C VAL A 426 -4.95 -16.66 17.92
N ALA A 427 -5.51 -17.34 18.96
CA ALA A 427 -6.42 -18.48 18.78
C ALA A 427 -7.62 -18.37 19.76
N ARG A 428 -8.70 -19.12 19.47
CA ARG A 428 -9.91 -19.08 20.27
C ARG A 428 -9.71 -19.81 21.64
N LYS A 429 -9.36 -21.10 21.59
CA LYS A 429 -9.11 -21.98 22.77
C LYS A 429 -7.80 -22.75 22.55
N PRO A 430 -7.07 -23.12 23.65
CA PRO A 430 -5.86 -23.96 23.51
C PRO A 430 -6.01 -25.23 22.69
N LEU A 431 -7.21 -25.84 22.74
CA LEU A 431 -7.51 -27.07 21.99
C LEU A 431 -7.31 -26.89 20.46
N ASP A 432 -7.66 -25.69 19.95
CA ASP A 432 -7.42 -25.29 18.54
C ASP A 432 -5.98 -25.41 18.03
N VAL A 433 -5.00 -25.15 18.89
CA VAL A 433 -3.59 -25.32 18.56
C VAL A 433 -3.15 -26.79 18.59
N TYR A 434 -3.33 -27.48 19.73
CA TYR A 434 -2.85 -28.88 19.86
C TYR A 434 -3.71 -29.98 19.16
N LYS A 435 -4.99 -29.68 18.91
CA LYS A 435 -5.90 -30.57 18.14
C LYS A 435 -6.31 -29.91 16.80
N LYS A 436 -5.34 -29.79 15.88
CA LYS A 436 -5.57 -29.34 14.48
C LYS A 436 -4.45 -29.84 13.58
N CYS A 441 5.71 -28.51 18.66
CA CYS A 441 5.19 -27.52 17.72
C CYS A 441 5.60 -27.80 16.27
N PHE A 442 4.66 -27.66 15.35
CA PHE A 442 4.92 -27.84 13.92
C PHE A 442 5.76 -26.64 13.40
N PHE A 443 5.09 -25.51 13.23
CA PHE A 443 5.64 -24.35 12.51
C PHE A 443 6.65 -23.53 13.32
N GLN A 444 7.60 -22.92 12.60
CA GLN A 444 8.53 -21.97 13.18
C GLN A 444 8.52 -20.60 12.45
N GLY A 445 7.72 -20.51 11.37
CA GLY A 445 7.54 -19.23 10.63
C GLY A 445 6.11 -18.96 10.25
N ASP A 446 5.74 -17.68 10.15
CA ASP A 446 4.45 -17.31 9.61
C ASP A 446 4.49 -15.85 9.15
N HIS A 447 3.38 -15.41 8.55
CA HIS A 447 3.29 -14.06 7.98
C HIS A 447 1.82 -13.68 7.97
N GLY A 448 1.52 -12.40 7.74
CA GLY A 448 0.13 -11.88 7.75
C GLY A 448 -0.03 -10.61 8.55
N PHE A 449 1.00 -10.27 9.33
CA PHE A 449 1.05 -9.07 10.19
C PHE A 449 0.97 -7.73 9.39
N ASP A 450 0.76 -6.66 10.14
CA ASP A 450 0.81 -5.25 9.66
C ASP A 450 1.88 -5.05 8.57
N ASN A 451 1.47 -4.48 7.43
CA ASN A 451 2.39 -4.43 6.25
C ASN A 451 3.54 -3.43 6.40
N LYS A 452 3.60 -2.72 7.54
CA LYS A 452 4.76 -1.87 7.84
C LYS A 452 5.94 -2.64 8.45
N VAL A 453 5.69 -3.84 8.95
CA VAL A 453 6.70 -4.65 9.72
C VAL A 453 7.85 -5.09 8.86
N ASN A 454 9.09 -4.83 9.29
CA ASN A 454 10.28 -5.17 8.48
C ASN A 454 10.32 -6.64 8.01
N SER A 455 9.99 -7.61 8.88
CA SER A 455 10.03 -9.02 8.45
C SER A 455 9.02 -9.36 7.34
N MET A 456 7.97 -8.53 7.17
CA MET A 456 6.99 -8.79 6.09
C MET A 456 7.38 -8.22 4.70
N GLN A 457 8.41 -7.37 4.62
CA GLN A 457 8.79 -6.74 3.35
C GLN A 457 9.31 -7.82 2.39
N THR A 458 9.17 -7.54 1.10
CA THR A 458 9.53 -8.53 0.10
C THR A 458 10.37 -7.84 -1.00
N VAL A 459 10.51 -8.50 -2.17
CA VAL A 459 11.53 -8.10 -3.16
C VAL A 459 10.96 -7.57 -4.49
N PHE A 460 11.77 -6.73 -5.17
CA PHE A 460 11.48 -6.35 -6.54
C PHE A 460 12.77 -6.15 -7.34
N VAL A 461 12.88 -6.86 -8.46
CA VAL A 461 13.97 -6.62 -9.45
C VAL A 461 13.34 -6.57 -10.85
N GLY A 462 13.77 -5.60 -11.67
CA GLY A 462 13.34 -5.54 -13.09
C GLY A 462 14.59 -5.58 -13.99
N TYR A 463 14.62 -6.50 -14.95
CA TYR A 463 15.79 -6.61 -15.82
C TYR A 463 15.33 -6.71 -17.28
N GLY A 464 15.92 -5.91 -18.17
CA GLY A 464 15.52 -5.98 -19.57
C GLY A 464 15.72 -4.66 -20.32
N PRO A 465 15.40 -4.64 -21.64
CA PRO A 465 15.54 -3.38 -22.44
C PRO A 465 14.69 -2.21 -21.93
N THR A 466 13.55 -2.46 -21.27
CA THR A 466 12.66 -1.37 -20.87
C THR A 466 13.01 -0.86 -19.49
N PHE A 467 13.70 -1.66 -18.66
CA PHE A 467 14.14 -1.23 -17.33
C PHE A 467 15.45 -0.46 -17.42
N LYS A 468 15.73 0.33 -16.40
CA LYS A 468 17.03 1.02 -16.32
CA LYS A 468 17.02 1.03 -16.31
C LYS A 468 18.21 0.09 -16.03
N TYR A 469 19.41 0.58 -16.38
CA TYR A 469 20.65 -0.16 -16.16
C TYR A 469 21.28 0.18 -14.81
N ARG A 470 21.69 -0.85 -14.05
CA ARG A 470 22.41 -0.70 -12.73
C ARG A 470 21.84 0.39 -11.82
N THR A 471 20.51 0.37 -11.61
CA THR A 471 19.81 1.48 -10.94
C THR A 471 19.12 0.98 -9.66
N LYS A 472 19.32 1.70 -8.55
CA LYS A 472 18.58 1.45 -7.33
C LYS A 472 17.48 2.47 -7.25
N VAL A 473 16.26 2.05 -6.89
CA VAL A 473 15.12 2.96 -6.74
C VAL A 473 14.65 2.84 -5.29
N PRO A 474 13.98 3.89 -4.74
CA PRO A 474 13.45 3.79 -3.37
C PRO A 474 12.38 2.67 -3.19
N PRO A 475 12.19 2.16 -1.94
CA PRO A 475 11.09 1.21 -1.64
C PRO A 475 9.74 1.73 -2.15
N PHE A 476 8.88 0.83 -2.60
CA PHE A 476 7.58 1.27 -3.11
C PHE A 476 6.57 0.16 -2.79
N GLU A 477 5.29 0.44 -2.98
CA GLU A 477 4.19 -0.51 -2.64
C GLU A 477 3.80 -1.38 -3.80
N ASN A 478 3.41 -2.64 -3.51
CA ASN A 478 3.11 -3.59 -4.61
C ASN A 478 1.84 -3.21 -5.43
N ILE A 479 0.97 -2.34 -4.89
CA ILE A 479 -0.22 -1.81 -5.62
C ILE A 479 0.19 -1.01 -6.88
N GLU A 480 1.44 -0.53 -6.91
CA GLU A 480 1.93 0.24 -8.06
C GLU A 480 2.28 -0.57 -9.31
N LEU A 481 2.52 -1.88 -9.13
CA LEU A 481 3.12 -2.68 -10.21
C LEU A 481 2.21 -3.02 -11.39
N TYR A 482 0.91 -3.27 -11.15
CA TYR A 482 -0.05 -3.47 -12.27
C TYR A 482 0.09 -2.39 -13.39
N ASN A 483 0.11 -1.11 -13.02
CA ASN A 483 0.31 0.00 -14.01
C ASN A 483 1.62 -0.18 -14.81
N VAL A 484 2.72 -0.53 -14.14
CA VAL A 484 4.02 -0.68 -14.79
C VAL A 484 4.01 -1.89 -15.73
N MET A 485 3.40 -3.00 -15.28
CA MET A 485 3.22 -4.18 -16.15
C MET A 485 2.37 -3.84 -17.39
N CYS A 486 1.32 -3.04 -17.22
CA CYS A 486 0.54 -2.53 -18.37
C CYS A 486 1.41 -1.68 -19.32
N ASP A 487 2.18 -0.74 -18.78
CA ASP A 487 3.12 0.07 -19.57
C ASP A 487 4.11 -0.80 -20.36
N LEU A 488 4.63 -1.86 -19.75
CA LEU A 488 5.60 -2.76 -20.42
C LEU A 488 5.05 -3.51 -21.59
N LEU A 489 3.71 -3.64 -21.62
CA LEU A 489 3.00 -4.39 -22.64
C LEU A 489 2.19 -3.47 -23.57
N GLY A 490 2.33 -2.15 -23.38
CA GLY A 490 1.58 -1.13 -24.16
C GLY A 490 0.07 -1.19 -23.93
N LEU A 491 -0.36 -1.60 -22.72
CA LEU A 491 -1.78 -1.70 -22.36
C LEU A 491 -2.32 -0.51 -21.54
N LYS A 492 -3.62 -0.22 -21.67
CA LYS A 492 -4.25 0.79 -20.86
C LYS A 492 -4.73 0.08 -19.57
N PRO A 493 -4.23 0.51 -18.38
CA PRO A 493 -4.62 -0.19 -17.13
C PRO A 493 -6.10 0.05 -16.81
N ALA A 494 -6.81 -0.96 -16.31
CA ALA A 494 -8.14 -0.77 -15.74
C ALA A 494 -8.02 0.17 -14.48
N PRO A 495 -9.12 0.81 -14.06
CA PRO A 495 -9.00 1.70 -12.87
C PRO A 495 -8.48 0.99 -11.63
N ASN A 496 -7.46 1.58 -10.98
CA ASN A 496 -6.82 0.84 -9.88
C ASN A 496 -6.26 1.78 -8.83
N ASN A 497 -5.58 1.24 -7.82
CA ASN A 497 -5.16 2.07 -6.66
C ASN A 497 -3.70 2.54 -6.74
N GLY A 498 -2.98 2.06 -7.74
CA GLY A 498 -1.62 2.65 -8.08
C GLY A 498 -1.82 4.15 -8.41
N THR A 499 -0.72 4.89 -8.45
CA THR A 499 -0.69 6.29 -8.87
C THR A 499 0.20 6.29 -10.12
N HIS A 500 -0.44 6.33 -11.29
CA HIS A 500 0.23 6.04 -12.57
C HIS A 500 1.18 7.18 -12.90
N GLY A 501 2.44 6.82 -13.08
CA GLY A 501 3.55 7.77 -13.19
C GLY A 501 4.48 7.80 -11.97
N SER A 502 4.02 7.31 -10.84
CA SER A 502 4.88 7.33 -9.64
C SER A 502 6.09 6.36 -9.73
N LEU A 503 6.02 5.36 -10.63
CA LEU A 503 7.15 4.46 -10.88
C LEU A 503 7.84 4.65 -12.25
N ASN A 504 7.57 5.79 -12.90
CA ASN A 504 8.32 6.12 -14.15
C ASN A 504 9.85 6.05 -14.03
N HIS A 505 10.37 6.44 -12.86
CA HIS A 505 11.81 6.34 -12.57
C HIS A 505 12.42 4.92 -12.62
N LEU A 506 11.61 3.86 -12.79
CA LEU A 506 12.14 2.50 -12.96
C LEU A 506 12.47 2.21 -14.42
N LEU A 507 11.95 3.03 -15.33
CA LEU A 507 11.93 2.67 -16.76
C LEU A 507 12.82 3.54 -17.61
N ARG A 508 13.45 2.92 -18.60
CA ARG A 508 14.25 3.64 -19.59
C ARG A 508 13.35 4.34 -20.58
N THR A 509 12.24 3.70 -20.98
CA THR A 509 11.28 4.20 -21.98
C THR A 509 9.89 3.65 -21.59
N ASN A 510 8.86 3.89 -22.42
CA ASN A 510 7.46 3.45 -22.15
C ASN A 510 6.88 4.23 -20.96
N THR A 511 7.51 5.36 -20.58
CA THR A 511 6.99 6.10 -19.42
C THR A 511 5.55 6.61 -19.69
N PHE A 512 4.83 6.93 -18.62
CA PHE A 512 3.44 7.35 -18.78
C PHE A 512 3.42 8.78 -18.40
N ARG A 513 2.99 9.64 -19.33
CA ARG A 513 3.14 11.07 -19.05
C ARG A 513 1.91 11.67 -18.42
N PRO A 514 1.84 11.60 -17.08
CA PRO A 514 0.61 12.07 -16.47
C PRO A 514 0.54 13.60 -16.45
N THR A 515 -0.67 14.11 -16.28
CA THR A 515 -0.92 15.54 -16.16
C THR A 515 -1.66 15.79 -14.84
N MET A 516 -1.53 17.01 -14.30
CA MET A 516 -2.18 17.34 -13.06
C MET A 516 -3.69 17.42 -13.27
N PRO A 517 -4.48 16.93 -12.29
CA PRO A 517 -5.93 17.08 -12.43
C PRO A 517 -6.37 18.56 -12.48
N ASP A 518 -7.42 18.84 -13.24
CA ASP A 518 -7.95 20.22 -13.31
C ASP A 518 -8.64 20.65 -12.01
N GLU A 519 -8.41 21.89 -11.55
CA GLU A 519 -9.13 22.40 -10.38
C GLU A 519 -10.59 22.55 -10.77
N VAL A 520 -11.49 22.16 -9.89
CA VAL A 520 -12.93 22.25 -10.18
C VAL A 520 -13.56 23.53 -9.60
N SER A 521 -13.25 23.84 -8.34
CA SER A 521 -13.81 25.04 -7.74
C SER A 521 -12.74 26.06 -7.54
N ARG A 522 -13.00 27.27 -8.00
CA ARG A 522 -12.09 28.39 -7.66
C ARG A 522 -12.48 29.07 -6.35
N PRO A 523 -11.50 29.56 -5.60
CA PRO A 523 -11.82 30.20 -4.33
C PRO A 523 -12.39 31.61 -4.50
N ASN A 524 -13.12 32.07 -3.48
CA ASN A 524 -13.41 33.50 -3.27
C ASN A 524 -12.31 34.09 -2.42
N TYR A 525 -12.09 35.40 -2.56
CA TYR A 525 -11.13 36.16 -1.78
C TYR A 525 -11.86 37.31 -1.06
N PRO A 526 -12.58 37.00 0.05
CA PRO A 526 -13.34 38.05 0.76
C PRO A 526 -12.50 39.11 1.47
N GLY A 527 -12.97 40.37 1.41
CA GLY A 527 -12.37 41.44 2.22
C GLY A 527 -13.29 41.70 3.41
N ILE A 528 -13.07 42.80 4.13
CA ILE A 528 -13.87 43.09 5.33
C ILE A 528 -15.32 43.50 4.95
N MET A 529 -16.32 42.72 5.37
CA MET A 529 -17.70 42.84 4.87
CA MET A 529 -17.70 42.86 4.88
C MET A 529 -18.77 42.89 5.98
N TYR A 530 -18.36 42.62 7.22
CA TYR A 530 -19.29 42.47 8.37
C TYR A 530 -18.82 43.27 9.54
N LEU A 531 -19.78 43.86 10.24
CA LEU A 531 -19.45 44.55 11.49
C LEU A 531 -19.62 43.55 12.64
N GLN A 532 -18.77 43.73 13.65
CA GLN A 532 -18.73 42.89 14.86
C GLN A 532 -20.11 42.60 15.45
N SER A 533 -20.96 43.63 15.54
CA SER A 533 -22.29 43.48 16.16
C SER A 533 -23.30 42.67 15.32
N GLU A 534 -22.98 42.37 14.07
CA GLU A 534 -23.84 41.47 13.29
C GLU A 534 -23.74 40.01 13.74
N PHE A 535 -22.76 39.69 14.56
CA PHE A 535 -22.59 38.29 14.98
C PHE A 535 -23.24 38.05 16.34
N ASP A 536 -23.94 36.93 16.47
CA ASP A 536 -24.53 36.53 17.73
C ASP A 536 -24.16 35.07 17.97
N LEU A 537 -22.89 34.84 18.25
CA LEU A 537 -22.37 33.49 18.26
C LEU A 537 -22.18 32.98 19.67
N GLY A 538 -22.33 33.88 20.66
CA GLY A 538 -22.17 33.52 22.07
C GLY A 538 -20.71 33.35 22.44
N CYS A 539 -19.83 33.88 21.59
CA CYS A 539 -18.41 33.87 21.83
C CYS A 539 -18.04 35.19 22.45
N THR A 540 -16.96 35.18 23.21
CA THR A 540 -16.36 36.39 23.81
C THR A 540 -14.84 36.32 23.67
N CYS A 541 -14.20 37.49 23.65
CA CYS A 541 -12.75 37.59 23.76
C CYS A 541 -12.35 38.86 24.52
N ASP A 542 -11.38 38.73 25.42
CA ASP A 542 -10.72 39.88 26.06
C ASP A 542 -9.68 40.50 25.09
N ASP A 543 -10.17 41.34 24.18
CA ASP A 543 -9.29 41.91 23.12
C ASP A 543 -9.43 43.42 22.82
N LYS A 544 -10.38 44.08 23.50
CA LYS A 544 -10.70 45.50 23.27
C LYS A 544 -9.62 46.52 23.76
N VAL A 545 -8.43 46.48 23.16
CA VAL A 545 -7.33 47.44 23.49
C VAL A 545 -6.73 48.10 22.22
N GLU A 546 -6.70 49.45 22.22
CA GLU A 546 -6.31 50.26 21.04
C GLU A 546 -4.79 50.36 20.79
N ASN A 549 -1.78 55.15 14.74
CA ASN A 549 -0.50 54.55 14.39
C ASN A 549 -0.55 53.89 13.00
N LYS A 550 -0.18 54.67 11.98
CA LYS A 550 -0.13 54.23 10.56
C LYS A 550 1.03 53.25 10.24
N LEU A 551 1.98 53.10 11.19
CA LEU A 551 3.07 52.11 11.11
C LEU A 551 2.54 50.67 11.18
N GLU A 552 1.83 50.35 12.27
CA GLU A 552 1.26 49.00 12.51
C GLU A 552 -0.21 48.77 12.04
N GLU A 553 -0.80 49.79 11.40
CA GLU A 553 -2.12 49.68 10.75
C GLU A 553 -2.02 49.36 9.25
N LEU A 554 -1.06 49.98 8.54
CA LEU A 554 -0.79 49.62 7.12
C LEU A 554 -0.19 48.21 7.03
N ASN A 555 0.52 47.84 8.11
CA ASN A 555 1.12 46.53 8.35
C ASN A 555 0.09 45.37 8.40
N LYS A 556 -0.96 45.53 9.23
CA LYS A 556 -2.04 44.53 9.38
C LYS A 556 -2.90 44.36 8.10
N ARG A 557 -3.03 45.44 7.34
CA ARG A 557 -3.71 45.45 6.05
C ARG A 557 -3.03 44.53 5.01
N LEU A 558 -1.72 44.72 4.81
CA LEU A 558 -0.90 43.91 3.87
C LEU A 558 -0.94 42.41 4.20
N HIS A 559 -0.91 42.10 5.52
CA HIS A 559 -0.96 40.71 6.04
C HIS A 559 -2.30 40.01 5.77
N THR A 560 -3.40 40.77 5.77
CA THR A 560 -4.75 40.27 5.40
C THR A 560 -4.97 40.20 3.87
N LYS A 561 -4.09 40.86 3.09
CA LYS A 561 -4.13 40.77 1.61
C LYS A 561 -3.14 39.73 1.05
N GLY A 562 -2.34 39.14 1.94
CA GLY A 562 -1.44 38.03 1.60
C GLY A 562 0.00 38.42 1.35
N SER A 563 0.55 39.34 2.16
CA SER A 563 1.96 39.77 1.99
C SER A 563 3.00 38.71 2.42
N THR A 564 2.69 37.93 3.47
CA THR A 564 3.57 36.83 3.92
C THR A 564 3.20 35.47 3.30
N LYS A 565 2.33 35.47 2.28
CA LYS A 565 1.83 34.21 1.68
C LYS A 565 2.91 33.27 1.08
N GLU A 566 4.05 33.86 0.66
CA GLU A 566 5.13 33.11 0.03
C GLU A 566 5.91 32.30 1.09
N ARG A 567 5.83 32.76 2.33
CA ARG A 567 6.43 32.14 3.48
C ARG A 567 5.59 30.92 3.93
N HIS A 568 4.28 31.07 3.98
CA HIS A 568 3.42 30.06 4.63
C HIS A 568 2.79 29.06 3.68
N LEU A 569 2.73 29.42 2.41
CA LEU A 569 2.23 28.56 1.36
C LEU A 569 3.33 28.26 0.32
N LEU A 570 4.15 27.24 0.59
CA LEU A 570 5.38 27.02 -0.19
C LEU A 570 5.26 26.28 -1.54
N TYR A 571 4.18 25.51 -1.71
CA TYR A 571 4.00 24.64 -2.89
C TYR A 571 2.74 24.97 -3.68
N GLY A 572 2.26 26.19 -3.51
CA GLY A 572 1.04 26.64 -4.19
C GLY A 572 -0.16 26.27 -3.32
N ARG A 573 -1.31 26.81 -3.63
CA ARG A 573 -2.47 26.39 -2.87
C ARG A 573 -2.96 25.02 -3.37
N PRO A 574 -3.50 24.18 -2.47
CA PRO A 574 -4.06 22.88 -2.94
C PRO A 574 -5.19 23.13 -3.95
N ALA A 575 -5.38 22.26 -4.94
CA ALA A 575 -6.54 22.41 -5.81
C ALA A 575 -7.73 21.62 -5.26
N VAL A 576 -8.92 22.21 -5.36
CA VAL A 576 -10.17 21.56 -4.93
C VAL A 576 -10.76 20.83 -6.13
N LEU A 577 -10.85 19.50 -6.05
CA LEU A 577 -11.21 18.70 -7.23
C LEU A 577 -12.70 18.33 -7.26
N TYR A 578 -13.52 19.04 -6.50
CA TYR A 578 -14.98 18.80 -6.54
C TYR A 578 -15.68 20.16 -6.45
N ARG A 579 -16.99 20.17 -6.69
CA ARG A 579 -17.78 21.40 -6.74
CA ARG A 579 -17.80 21.40 -6.75
C ARG A 579 -18.19 21.83 -5.33
N THR A 580 -17.77 23.04 -4.94
CA THR A 580 -18.06 23.53 -3.57
C THR A 580 -17.84 25.05 -3.46
N SER A 581 -18.17 25.64 -2.31
CA SER A 581 -18.03 27.06 -2.07
CA SER A 581 -17.99 27.07 -2.09
C SER A 581 -17.02 27.29 -0.96
N TYR A 582 -15.89 27.92 -1.29
CA TYR A 582 -14.88 28.18 -0.27
C TYR A 582 -14.12 29.51 -0.47
N ASP A 583 -13.51 29.99 0.61
CA ASP A 583 -12.75 31.25 0.69
C ASP A 583 -11.31 31.07 1.05
N ILE A 584 -10.38 31.79 0.39
CA ILE A 584 -9.01 31.86 0.88
C ILE A 584 -8.93 32.96 1.92
N LEU A 585 -8.37 32.66 3.09
CA LEU A 585 -8.18 33.64 4.15
C LEU A 585 -6.67 33.80 4.47
N TYR A 586 -6.16 35.04 4.36
CA TYR A 586 -4.74 35.29 4.67
C TYR A 586 -4.54 35.83 6.09
N HIS A 587 -3.44 35.46 6.71
CA HIS A 587 -3.06 35.99 8.03
C HIS A 587 -1.53 36.10 8.10
N THR A 588 -1.02 36.86 9.06
CA THR A 588 0.44 36.98 9.26
C THR A 588 1.18 35.63 9.30
N ASP A 589 0.60 34.67 10.05
CA ASP A 589 1.25 33.40 10.39
C ASP A 589 0.74 32.14 9.63
N PHE A 590 -0.37 32.27 8.93
CA PHE A 590 -0.98 31.13 8.23
C PHE A 590 -1.98 31.56 7.19
N GLU A 591 -2.30 30.64 6.27
CA GLU A 591 -3.30 30.83 5.21
C GLU A 591 -4.23 29.61 5.23
N SER A 592 -5.50 29.81 4.92
CA SER A 592 -6.46 28.71 4.95
C SER A 592 -7.41 28.77 3.77
N GLY A 593 -7.96 27.59 3.42
CA GLY A 593 -9.06 27.50 2.50
C GLY A 593 -10.31 27.12 3.30
N TYR A 594 -11.18 28.10 3.52
CA TYR A 594 -12.35 27.99 4.46
C TYR A 594 -13.66 27.59 3.74
N SER A 595 -14.23 26.43 4.10
CA SER A 595 -15.43 25.89 3.43
C SER A 595 -16.68 26.52 4.04
N GLU A 596 -17.45 27.21 3.21
CA GLU A 596 -18.74 27.76 3.61
C GLU A 596 -19.79 26.66 3.82
N ILE A 597 -19.54 25.48 3.27
CA ILE A 597 -20.45 24.32 3.40
C ILE A 597 -20.22 23.56 4.72
N PHE A 598 -18.96 23.22 5.02
CA PHE A 598 -18.62 22.48 6.25
C PHE A 598 -18.34 23.39 7.45
N LEU A 599 -18.38 24.71 7.25
CA LEU A 599 -18.12 25.74 8.31
C LEU A 599 -16.72 25.66 9.01
N MET A 600 -15.70 25.22 8.26
CA MET A 600 -14.36 25.12 8.78
C MET A 600 -13.35 25.02 7.65
N PRO A 601 -12.04 25.22 7.95
CA PRO A 601 -11.14 25.04 6.84
C PRO A 601 -11.09 23.60 6.29
N LEU A 602 -10.86 23.50 4.99
CA LEU A 602 -10.51 22.21 4.33
C LEU A 602 -9.04 21.97 4.52
N TRP A 603 -8.28 23.07 4.64
CA TRP A 603 -6.82 23.04 4.81
C TRP A 603 -6.37 24.35 5.41
N THR A 604 -5.30 24.26 6.19
CA THR A 604 -4.63 25.37 6.87
C THR A 604 -3.12 25.13 6.68
N SER A 605 -2.40 26.12 6.14
CA SER A 605 -0.98 26.02 5.75
C SER A 605 -0.12 27.05 6.53
N TYR A 606 0.95 26.59 7.18
CA TYR A 606 1.87 27.48 7.89
C TYR A 606 3.30 26.92 7.95
N THR A 607 4.27 27.83 7.98
CA THR A 607 5.70 27.45 8.05
C THR A 607 6.32 27.85 9.40
N ILE A 608 7.07 26.92 10.02
CA ILE A 608 7.72 27.10 11.32
C ILE A 608 9.25 26.92 11.07
N SER A 609 10.02 27.99 11.21
CA SER A 609 11.47 27.89 10.97
C SER A 609 12.18 27.23 12.16
N LYS A 610 13.42 26.81 11.95
CA LYS A 610 14.27 26.26 13.04
C LYS A 610 14.35 27.21 14.25
N GLN A 611 14.41 28.51 13.95
CA GLN A 611 14.56 29.59 14.96
C GLN A 611 13.29 29.93 15.76
N ALA A 612 12.12 29.50 15.27
CA ALA A 612 10.81 29.88 15.86
C ALA A 612 10.69 29.59 17.35
N GLU A 613 9.93 30.42 18.05
CA GLU A 613 9.73 30.26 19.50
C GLU A 613 8.31 29.82 19.84
N VAL A 614 8.21 28.89 20.80
CA VAL A 614 6.94 28.45 21.39
C VAL A 614 6.62 29.37 22.55
N SER A 615 5.37 29.83 22.63
CA SER A 615 4.85 30.66 23.72
C SER A 615 3.59 30.00 24.24
N SER A 616 3.08 30.43 25.39
CA SER A 616 1.84 29.86 25.94
C SER A 616 0.61 30.63 25.44
N ILE A 617 -0.58 30.08 25.70
CA ILE A 617 -1.81 30.84 25.60
C ILE A 617 -1.95 31.65 26.91
N PRO A 618 -1.76 32.99 26.83
CA PRO A 618 -1.92 33.89 28.00
C PRO A 618 -3.28 33.68 28.67
N GLU A 619 -3.31 33.86 29.98
CA GLU A 619 -4.51 33.58 30.81
C GLU A 619 -5.79 34.23 30.35
N HIS A 620 -5.72 35.51 30.01
CA HIS A 620 -6.89 36.30 29.60
C HIS A 620 -7.48 35.85 28.24
N LEU A 621 -6.70 35.09 27.47
CA LEU A 621 -7.13 34.60 26.15
C LEU A 621 -7.57 33.12 26.11
N THR A 622 -7.63 32.46 27.28
CA THR A 622 -7.93 31.01 27.39
C THR A 622 -9.22 30.58 26.64
N ASN A 623 -10.30 31.32 26.81
CA ASN A 623 -11.58 31.01 26.15
C ASN A 623 -11.96 32.00 25.03
N CYS A 624 -10.97 32.73 24.54
CA CYS A 624 -11.21 33.75 23.49
C CYS A 624 -11.59 33.09 22.13
N VAL A 625 -12.76 33.45 21.59
CA VAL A 625 -13.07 33.16 20.18
C VAL A 625 -13.64 34.44 19.57
N ARG A 626 -13.11 34.84 18.40
CA ARG A 626 -13.39 36.15 17.75
C ARG A 626 -14.10 35.98 16.40
N PRO A 627 -15.20 36.72 16.17
CA PRO A 627 -15.80 36.76 14.84
C PRO A 627 -14.80 37.15 13.74
N ASP A 628 -14.93 36.54 12.58
CA ASP A 628 -14.11 36.88 11.43
C ASP A 628 -14.92 37.82 10.49
N VAL A 629 -14.53 39.09 10.45
CA VAL A 629 -15.31 40.14 9.68
C VAL A 629 -15.27 39.96 8.16
N ARG A 630 -14.50 38.97 7.69
CA ARG A 630 -14.54 38.56 6.27
C ARG A 630 -15.64 37.53 5.94
N VAL A 631 -16.26 36.90 6.94
CA VAL A 631 -17.11 35.72 6.68
C VAL A 631 -18.46 35.90 7.40
N SER A 632 -19.58 35.71 6.69
CA SER A 632 -20.90 35.99 7.27
C SER A 632 -21.21 35.20 8.56
N PRO A 633 -22.02 35.78 9.49
CA PRO A 633 -22.56 35.00 10.61
C PRO A 633 -23.14 33.66 10.13
N GLY A 634 -23.86 33.67 9.01
CA GLY A 634 -24.53 32.46 8.54
C GLY A 634 -23.58 31.35 8.08
N PHE A 635 -22.33 31.69 7.76
CA PHE A 635 -21.31 30.71 7.36
C PHE A 635 -20.21 30.52 8.39
N SER A 636 -20.52 30.85 9.65
CA SER A 636 -19.58 30.75 10.78
C SER A 636 -20.06 29.71 11.77
N GLN A 637 -19.13 29.12 12.53
CA GLN A 637 -19.50 28.32 13.69
C GLN A 637 -20.00 29.28 14.81
N ASN A 638 -20.45 28.75 15.93
CA ASN A 638 -20.85 29.55 17.10
C ASN A 638 -20.43 28.85 18.39
N CYS A 639 -20.13 29.62 19.43
CA CYS A 639 -19.66 29.06 20.71
C CYS A 639 -20.77 28.41 21.54
N LEU A 640 -22.00 28.86 21.37
CA LEU A 640 -23.15 28.29 22.08
C LEU A 640 -23.34 26.80 21.88
N ALA A 641 -23.21 26.34 20.62
CA ALA A 641 -23.35 24.91 20.32
C ALA A 641 -22.34 24.09 21.12
N TYR A 642 -21.10 24.60 21.24
CA TYR A 642 -20.08 23.91 22.04
C TYR A 642 -20.40 23.90 23.53
N LYS A 643 -20.97 24.98 24.05
CA LYS A 643 -21.40 25.02 25.47
C LYS A 643 -22.52 23.99 25.71
N ASN A 644 -23.55 23.97 24.86
CA ASN A 644 -24.65 23.01 25.00
C ASN A 644 -24.25 21.54 24.74
N ASP A 645 -23.27 21.31 23.86
CA ASP A 645 -22.78 19.95 23.56
C ASP A 645 -21.85 19.49 24.65
N LYS A 646 -22.39 18.67 25.56
CA LYS A 646 -21.63 18.22 26.72
C LYS A 646 -20.46 17.27 26.40
N GLN A 647 -20.54 16.58 25.25
CA GLN A 647 -19.46 15.67 24.77
C GLN A 647 -18.35 16.35 23.94
N MET A 648 -18.69 17.45 23.25
CA MET A 648 -17.81 18.03 22.23
C MET A 648 -17.17 19.30 22.69
N SER A 649 -15.85 19.44 22.55
CA SER A 649 -15.16 20.72 22.73
C SER A 649 -14.59 21.23 21.38
N TYR A 650 -13.58 22.09 21.38
CA TYR A 650 -13.00 22.65 20.15
C TYR A 650 -11.50 22.84 20.25
N GLY A 651 -10.84 22.83 19.08
CA GLY A 651 -9.41 23.13 18.98
C GLY A 651 -9.17 24.06 17.80
N PHE A 652 -7.91 24.32 17.51
CA PHE A 652 -7.58 25.24 16.43
C PHE A 652 -6.62 24.55 15.48
N LEU A 653 -6.71 24.90 14.21
CA LEU A 653 -5.88 24.25 13.19
C LEU A 653 -4.49 24.90 13.10
N PHE A 654 -4.44 26.24 13.01
CA PHE A 654 -3.16 26.92 13.27
C PHE A 654 -2.98 27.07 14.80
N PRO A 655 -1.85 26.58 15.36
CA PRO A 655 -1.81 26.55 16.84
C PRO A 655 -1.43 27.94 17.46
N PRO A 656 -2.21 28.44 18.41
CA PRO A 656 -1.85 29.72 19.08
C PRO A 656 -0.44 29.74 19.74
N TYR A 657 0.10 28.57 20.11
CA TYR A 657 1.46 28.45 20.70
C TYR A 657 2.56 28.91 19.78
N LEU A 658 2.29 28.90 18.48
CA LEU A 658 3.32 29.21 17.50
C LEU A 658 3.19 30.58 16.83
N SER A 659 2.30 31.41 17.38
CA SER A 659 2.14 32.79 16.92
C SER A 659 3.48 33.55 16.83
N SER A 660 3.65 34.41 15.84
CA SER A 660 4.93 35.09 15.64
C SER A 660 5.09 36.27 16.61
N SER A 661 3.99 36.75 17.17
CA SER A 661 4.02 37.94 18.07
C SER A 661 2.72 37.99 18.86
N PRO A 662 2.73 38.69 20.03
CA PRO A 662 1.49 38.93 20.78
C PRO A 662 0.31 39.42 19.96
N GLU A 663 0.52 40.38 19.04
CA GLU A 663 -0.57 40.88 18.17
C GLU A 663 -1.03 39.83 17.13
N ALA A 664 -0.09 39.15 16.48
CA ALA A 664 -0.45 38.06 15.54
C ALA A 664 -1.32 36.96 16.23
N LYS A 665 -1.09 36.75 17.54
CA LYS A 665 -1.77 35.69 18.27
C LYS A 665 -3.28 35.79 18.21
N TYR A 666 -3.83 37.02 18.15
CA TYR A 666 -5.28 37.24 18.01
C TYR A 666 -5.88 36.56 16.79
N ASP A 667 -5.12 36.48 15.68
CA ASP A 667 -5.57 35.75 14.44
C ASP A 667 -5.86 34.28 14.70
N ALA A 668 -5.09 33.66 15.59
CA ALA A 668 -5.27 32.21 15.88
C ALA A 668 -6.60 31.89 16.60
N PHE A 669 -7.19 32.90 17.24
CA PHE A 669 -8.48 32.75 17.92
C PHE A 669 -9.70 33.09 17.07
N LEU A 670 -9.51 33.37 15.77
CA LEU A 670 -10.68 33.56 14.87
C LEU A 670 -11.59 32.33 14.81
N VAL A 671 -12.88 32.56 14.74
CA VAL A 671 -13.89 31.50 14.69
C VAL A 671 -13.68 30.64 13.42
N THR A 672 -12.99 31.21 12.43
CA THR A 672 -12.70 30.54 11.16
C THR A 672 -11.47 29.61 11.23
N ASN A 673 -10.82 29.57 12.39
CA ASN A 673 -9.65 28.69 12.61
C ASN A 673 -10.05 27.54 13.60
N MET A 674 -11.31 27.55 14.06
CA MET A 674 -11.82 26.61 15.08
CA MET A 674 -11.76 26.58 15.07
C MET A 674 -12.39 25.34 14.44
N VAL A 675 -12.19 24.19 15.10
CA VAL A 675 -12.67 22.88 14.64
C VAL A 675 -13.18 22.04 15.83
N PRO A 676 -14.19 21.18 15.60
CA PRO A 676 -14.68 20.44 16.80
C PRO A 676 -13.75 19.30 17.22
N MET A 677 -13.53 19.20 18.53
CA MET A 677 -12.66 18.17 19.12
C MET A 677 -13.18 17.65 20.45
N TYR A 678 -13.30 16.33 20.53
CA TYR A 678 -13.47 15.65 21.82
C TYR A 678 -12.33 16.00 22.77
N PRO A 679 -12.65 16.18 24.09
CA PRO A 679 -11.59 16.42 25.10
C PRO A 679 -10.48 15.35 25.10
N ALA A 680 -10.83 14.08 24.87
CA ALA A 680 -9.82 13.03 24.84
C ALA A 680 -8.83 13.27 23.67
N PHE A 681 -9.38 13.69 22.54
CA PHE A 681 -8.53 14.00 21.37
C PHE A 681 -7.72 15.30 21.51
N LYS A 682 -8.24 16.28 22.26
CA LYS A 682 -7.52 17.52 22.53
C LYS A 682 -6.19 17.28 23.24
N ARG A 683 -6.12 16.25 24.07
CA ARG A 683 -4.83 15.82 24.65
C ARG A 683 -3.80 15.47 23.57
N VAL A 684 -4.23 14.70 22.56
CA VAL A 684 -3.34 14.32 21.47
C VAL A 684 -2.92 15.56 20.66
N TRP A 685 -3.92 16.31 20.21
CA TRP A 685 -3.74 17.48 19.34
C TRP A 685 -2.83 18.57 19.95
N ALA A 686 -3.07 18.88 21.22
CA ALA A 686 -2.29 19.90 21.94
C ALA A 686 -0.82 19.52 22.10
N TYR A 687 -0.58 18.23 22.39
CA TYR A 687 0.78 17.73 22.47
C TYR A 687 1.49 17.82 21.11
N PHE A 688 0.82 17.35 20.05
CA PHE A 688 1.35 17.56 18.68
C PHE A 688 1.73 19.02 18.41
N GLN A 689 0.79 19.94 18.67
CA GLN A 689 0.98 21.37 18.29
C GLN A 689 1.99 22.15 19.19
N ARG A 690 1.96 21.89 20.50
CA ARG A 690 2.83 22.58 21.49
C ARG A 690 4.26 22.02 21.52
N VAL A 691 4.41 20.69 21.43
CA VAL A 691 5.72 20.03 21.53
C VAL A 691 6.28 19.52 20.18
N LEU A 692 5.51 18.71 19.47
CA LEU A 692 6.05 18.00 18.30
C LEU A 692 6.38 18.86 17.08
N VAL A 693 5.52 19.84 16.74
CA VAL A 693 5.84 20.71 15.59
C VAL A 693 7.23 21.37 15.77
N LYS A 694 7.45 21.96 16.94
CA LYS A 694 8.75 22.63 17.20
C LYS A 694 9.91 21.63 17.11
N LYS A 695 9.71 20.45 17.70
CA LYS A 695 10.72 19.36 17.60
C LYS A 695 11.08 18.98 16.17
N TYR A 696 10.06 18.86 15.30
CA TYR A 696 10.33 18.56 13.89
C TYR A 696 11.02 19.73 13.20
N ALA A 697 10.65 20.95 13.57
CA ALA A 697 11.29 22.10 12.92
C ALA A 697 12.80 22.17 13.28
N SER A 698 13.14 21.81 14.52
CA SER A 698 14.53 21.79 14.99
CA SER A 698 14.54 21.82 14.96
C SER A 698 15.35 20.70 14.28
N GLU A 699 14.75 19.50 14.19
CA GLU A 699 15.35 18.34 13.54
C GLU A 699 15.51 18.46 12.01
N ARG A 700 14.56 19.16 11.32
CA ARG A 700 14.50 19.08 9.85
C ARG A 700 14.89 20.40 9.22
N ASN A 701 15.22 21.37 10.09
CA ASN A 701 15.62 22.72 9.69
C ASN A 701 14.43 23.50 9.07
N GLY A 702 13.39 23.67 9.88
CA GLY A 702 12.14 24.29 9.44
C GLY A 702 11.21 23.18 8.93
N VAL A 703 9.91 23.36 9.14
CA VAL A 703 8.86 22.55 8.46
C VAL A 703 7.74 23.45 7.93
N ASN A 704 7.16 23.05 6.80
CA ASN A 704 5.86 23.57 6.36
C ASN A 704 4.81 22.54 6.76
N VAL A 705 3.75 23.01 7.41
CA VAL A 705 2.63 22.16 7.89
C VAL A 705 1.32 22.51 7.17
N ILE A 706 0.62 21.47 6.64
CA ILE A 706 -0.79 21.63 6.18
C ILE A 706 -1.64 20.67 6.99
N SER A 707 -2.60 21.22 7.73
CA SER A 707 -3.54 20.43 8.57
C SER A 707 -4.97 20.63 8.18
N GLY A 708 -5.85 19.69 8.56
CA GLY A 708 -7.27 19.82 8.16
C GLY A 708 -8.12 18.67 8.70
N PRO A 709 -9.45 18.77 8.52
CA PRO A 709 -10.39 17.72 8.91
C PRO A 709 -10.53 16.67 7.78
N ILE A 710 -10.97 15.47 8.14
CA ILE A 710 -11.38 14.42 7.20
C ILE A 710 -12.74 13.85 7.65
N PHE A 711 -13.64 13.61 6.67
CA PHE A 711 -14.95 13.01 6.97
C PHE A 711 -15.05 11.70 6.17
N ASP A 712 -14.98 10.56 6.84
CA ASP A 712 -15.13 9.28 6.16
C ASP A 712 -16.08 8.38 6.95
N TYR A 713 -17.35 8.78 7.03
CA TYR A 713 -18.33 8.01 7.84
C TYR A 713 -18.66 6.62 7.23
N ASN A 714 -18.52 6.46 5.92
CA ASN A 714 -18.78 5.15 5.30
C ASN A 714 -17.50 4.30 5.08
N TYR A 715 -16.40 4.69 5.73
CA TYR A 715 -15.09 4.04 5.69
C TYR A 715 -14.65 3.52 4.31
N ASP A 716 -14.91 4.30 3.24
CA ASP A 716 -14.48 3.84 1.89
C ASP A 716 -13.14 4.47 1.42
N GLY A 717 -12.50 5.23 2.31
CA GLY A 717 -11.18 5.87 1.99
C GLY A 717 -11.36 7.11 1.10
N LEU A 718 -12.60 7.51 0.87
CA LEU A 718 -12.90 8.63 -0.01
C LEU A 718 -13.69 9.74 0.70
N ARG A 719 -13.45 10.99 0.28
CA ARG A 719 -14.12 12.17 0.86
C ARG A 719 -15.69 11.99 0.94
N ASP A 720 -16.30 12.21 2.10
CA ASP A 720 -17.78 12.18 2.17
C ASP A 720 -18.39 13.43 1.54
N THR A 721 -19.54 13.25 0.91
CA THR A 721 -20.42 14.38 0.58
C THR A 721 -21.18 14.76 1.88
N GLU A 722 -21.78 15.95 1.92
CA GLU A 722 -22.41 16.42 3.16
C GLU A 722 -23.54 15.52 3.63
N ASP A 723 -24.26 14.90 2.70
CA ASP A 723 -25.37 14.00 3.09
C ASP A 723 -24.94 12.66 3.67
N GLU A 724 -23.63 12.44 3.81
CA GLU A 724 -23.07 11.21 4.45
C GLU A 724 -22.63 11.36 5.90
N ILE A 725 -22.68 12.60 6.41
CA ILE A 725 -22.21 12.93 7.76
C ILE A 725 -23.18 12.38 8.79
N LYS A 726 -22.68 11.57 9.71
CA LYS A 726 -23.58 10.94 10.72
C LYS A 726 -23.67 11.69 12.04
N GLN A 727 -22.80 12.69 12.22
CA GLN A 727 -22.73 13.38 13.53
C GLN A 727 -22.40 14.87 13.39
N TYR A 728 -23.14 15.69 14.14
CA TYR A 728 -22.99 17.14 14.18
C TYR A 728 -22.78 17.58 15.64
N VAL A 729 -22.17 18.74 15.83
CA VAL A 729 -22.13 19.38 17.14
C VAL A 729 -23.61 19.68 17.51
N GLU A 730 -24.01 19.28 18.72
CA GLU A 730 -25.43 19.26 19.11
C GLU A 730 -26.15 20.59 18.87
N GLY A 731 -27.25 20.50 18.14
CA GLY A 731 -28.10 21.64 17.82
C GLY A 731 -27.47 22.63 16.86
N SER A 732 -26.62 22.15 15.94
CA SER A 732 -25.98 22.99 14.93
C SER A 732 -25.82 22.20 13.63
N SER A 733 -25.36 22.89 12.58
CA SER A 733 -24.99 22.26 11.34
C SER A 733 -23.45 22.13 11.23
N ILE A 734 -22.75 22.11 12.35
CA ILE A 734 -21.28 21.94 12.36
C ILE A 734 -20.99 20.42 12.31
N PRO A 735 -20.45 19.93 11.18
CA PRO A 735 -20.23 18.49 11.06
C PRO A 735 -18.98 18.04 11.88
N VAL A 736 -18.99 16.82 12.42
CA VAL A 736 -17.89 16.32 13.23
C VAL A 736 -16.95 15.48 12.35
N PRO A 737 -15.64 15.84 12.27
CA PRO A 737 -14.70 15.03 11.48
C PRO A 737 -14.47 13.63 12.08
N THR A 738 -14.23 12.63 11.23
CA THR A 738 -13.79 11.29 11.70
C THR A 738 -12.29 11.26 11.98
N HIS A 739 -11.53 12.16 11.35
CA HIS A 739 -10.07 12.16 11.43
C HIS A 739 -9.53 13.58 11.28
N TYR A 740 -8.31 13.80 11.79
CA TYR A 740 -7.55 15.03 11.46
C TYR A 740 -6.21 14.67 10.86
N TYR A 741 -5.82 15.35 9.77
CA TYR A 741 -4.55 15.09 9.07
C TYR A 741 -3.52 16.19 9.27
N SER A 742 -2.25 15.84 9.04
CA SER A 742 -1.20 16.86 8.82
C SER A 742 -0.20 16.33 7.82
N ILE A 743 0.30 17.24 6.96
CA ILE A 743 1.34 16.97 5.96
C ILE A 743 2.51 17.85 6.31
N ILE A 744 3.68 17.25 6.55
CA ILE A 744 4.82 18.01 7.13
C ILE A 744 5.99 17.89 6.16
N THR A 745 6.28 18.99 5.47
CA THR A 745 7.26 18.98 4.37
C THR A 745 8.50 19.82 4.76
N SER A 746 9.67 19.38 4.30
CA SER A 746 10.92 20.14 4.45
C SER A 746 11.85 19.84 3.27
N CYS A 747 13.06 20.40 3.30
CA CYS A 747 14.08 20.12 2.25
C CYS A 747 14.77 18.79 2.50
N LEU A 748 14.89 17.95 1.46
CA LEU A 748 15.60 16.64 1.63
C LEU A 748 17.07 16.90 2.04
N ASP A 749 17.67 17.91 1.43
CA ASP A 749 18.99 18.42 1.87
C ASP A 749 18.75 19.35 3.06
N PHE A 750 18.80 18.79 4.27
CA PHE A 750 18.49 19.54 5.50
C PHE A 750 19.49 20.65 5.89
N THR A 751 20.52 20.88 5.07
CA THR A 751 21.39 22.05 5.23
C THR A 751 20.70 23.31 4.75
N GLN A 752 19.66 23.14 3.92
CA GLN A 752 18.82 24.26 3.48
C GLN A 752 17.52 24.35 4.32
N PRO A 753 17.10 25.59 4.69
CA PRO A 753 15.84 25.76 5.42
C PRO A 753 14.62 25.38 4.58
N ALA A 754 13.54 24.96 5.25
CA ALA A 754 12.33 24.54 4.54
C ALA A 754 11.84 25.61 3.56
N ASP A 755 11.88 26.88 3.95
CA ASP A 755 11.39 27.97 3.07
C ASP A 755 12.38 28.49 2.00
N LYS A 756 13.58 27.92 1.91
CA LYS A 756 14.53 28.25 0.81
C LYS A 756 15.24 26.98 0.33
N CYS A 757 14.48 26.09 -0.30
CA CYS A 757 14.97 24.76 -0.67
C CYS A 757 15.08 24.73 -2.18
N ASP A 758 16.26 24.37 -2.69
CA ASP A 758 16.50 24.37 -4.14
C ASP A 758 16.19 23.06 -4.85
N GLY A 759 16.05 21.96 -4.11
CA GLY A 759 16.00 20.63 -4.71
C GLY A 759 14.87 19.73 -4.22
N PRO A 760 15.10 18.40 -4.19
CA PRO A 760 14.04 17.48 -3.71
C PRO A 760 13.51 17.78 -2.30
N LEU A 761 12.27 17.33 -2.06
CA LEU A 761 11.57 17.55 -0.80
C LEU A 761 11.55 16.29 0.03
N SER A 762 11.23 16.43 1.32
CA SER A 762 11.06 15.29 2.23
C SER A 762 9.71 15.47 2.98
N VAL A 763 8.94 14.39 3.13
CA VAL A 763 7.61 14.51 3.71
C VAL A 763 7.35 13.42 4.76
N SER A 764 6.62 13.77 5.81
CA SER A 764 5.88 12.77 6.62
C SER A 764 4.45 13.27 6.90
N SER A 765 3.49 12.34 7.01
CA SER A 765 2.10 12.75 7.18
C SER A 765 1.41 11.76 8.11
N PHE A 766 0.26 12.18 8.64
CA PHE A 766 -0.57 11.28 9.47
C PHE A 766 -2.04 11.59 9.30
N ILE A 767 -2.89 10.60 9.64
CA ILE A 767 -4.33 10.74 9.60
C ILE A 767 -4.79 10.19 10.98
N LEU A 768 -4.98 11.08 11.95
CA LEU A 768 -5.29 10.62 13.32
C LEU A 768 -6.78 10.42 13.46
N PRO A 769 -7.22 9.28 14.03
CA PRO A 769 -8.66 9.10 14.28
C PRO A 769 -9.12 10.07 15.39
N HIS A 770 -10.27 10.69 15.15
CA HIS A 770 -10.85 11.69 16.05
C HIS A 770 -11.76 10.93 17.01
N ARG A 771 -11.23 10.37 18.09
CA ARG A 771 -12.04 9.45 18.96
C ARG A 771 -12.39 10.10 20.32
N PRO A 772 -13.58 9.79 20.91
CA PRO A 772 -13.99 10.37 22.21
C PRO A 772 -13.27 9.76 23.42
N ASP A 773 -12.45 8.74 23.19
CA ASP A 773 -11.63 8.14 24.22
C ASP A 773 -10.24 7.84 23.67
N ASN A 774 -9.33 7.51 24.57
CA ASN A 774 -8.02 7.06 24.20
C ASN A 774 -7.82 5.57 24.52
N ASP A 775 -8.90 4.76 24.40
CA ASP A 775 -8.81 3.28 24.65
C ASP A 775 -7.77 2.58 23.79
N GLU A 776 -7.54 3.09 22.58
CA GLU A 776 -6.46 2.59 21.70
C GLU A 776 -5.07 2.62 22.34
N SER A 777 -4.74 3.64 23.12
CA SER A 777 -3.45 3.72 23.75
C SER A 777 -3.52 3.24 25.23
N CYS A 778 -3.03 2.02 25.50
CA CYS A 778 -3.07 1.43 26.86
C CYS A 778 -2.34 2.25 27.96
N ASN A 779 -1.40 3.11 27.56
CA ASN A 779 -0.64 3.94 28.50
CA ASN A 779 -0.63 3.95 28.48
C ASN A 779 -1.13 5.39 28.61
N SER A 780 -2.36 5.66 28.18
CA SER A 780 -2.87 7.03 28.10
C SER A 780 -3.12 7.81 29.42
N SER A 781 -3.17 7.11 30.56
CA SER A 781 -3.27 7.83 31.83
CA SER A 781 -3.24 7.78 31.88
C SER A 781 -1.93 8.48 32.20
N GLU A 782 -0.84 8.08 31.56
CA GLU A 782 0.45 8.70 31.73
C GLU A 782 0.52 10.06 30.97
N ASP A 783 1.62 10.80 31.18
CA ASP A 783 1.89 12.03 30.45
C ASP A 783 1.96 11.75 28.93
N GLU A 784 1.44 12.70 28.15
CA GLU A 784 1.43 12.64 26.68
C GLU A 784 2.81 12.25 26.09
N SER A 785 3.90 12.64 26.78
CA SER A 785 5.27 12.32 26.32
C SER A 785 5.58 10.79 26.30
N LYS A 786 4.68 9.99 26.85
CA LYS A 786 4.90 8.55 26.92
C LYS A 786 4.03 7.74 25.92
N TRP A 787 3.08 8.40 25.25
CA TRP A 787 2.13 7.71 24.39
C TRP A 787 1.67 8.43 23.08
N VAL A 788 1.74 9.76 23.03
CA VAL A 788 1.14 10.46 21.87
C VAL A 788 1.93 10.21 20.58
N GLU A 789 3.25 10.34 20.65
CA GLU A 789 4.04 10.16 19.47
C GLU A 789 3.93 8.73 18.87
N GLU A 790 3.88 7.71 19.76
CA GLU A 790 3.60 6.31 19.38
C GLU A 790 2.24 6.15 18.64
N LEU A 791 1.20 6.84 19.11
CA LEU A 791 -0.09 6.84 18.40
C LEU A 791 0.04 7.46 16.99
N MET A 792 0.69 8.61 16.90
CA MET A 792 0.93 9.27 15.62
C MET A 792 1.66 8.41 14.60
N LYS A 793 2.72 7.74 15.05
CA LYS A 793 3.48 6.81 14.21
C LYS A 793 2.63 5.66 13.69
N MET A 794 1.74 5.09 14.53
CA MET A 794 0.83 4.02 14.13
CA MET A 794 0.85 4.01 14.08
C MET A 794 -0.08 4.47 12.96
N HIS A 795 -0.43 5.75 12.98
CA HIS A 795 -1.34 6.40 12.00
C HIS A 795 -0.65 7.28 10.95
N THR A 796 0.62 6.95 10.71
CA THR A 796 1.37 7.49 9.57
C THR A 796 0.61 7.22 8.25
N ALA A 797 0.79 8.10 7.26
CA ALA A 797 0.00 8.06 6.02
C ALA A 797 0.79 8.61 4.80
N ARG A 798 0.35 8.25 3.58
CA ARG A 798 0.88 8.87 2.35
C ARG A 798 0.08 10.12 2.07
N VAL A 799 0.71 11.13 1.47
CA VAL A 799 -0.03 12.28 0.94
C VAL A 799 -1.21 11.79 0.06
N ARG A 800 -0.99 10.76 -0.76
CA ARG A 800 -2.01 10.28 -1.64
C ARG A 800 -3.26 9.79 -0.84
N ASP A 801 -3.03 9.23 0.34
CA ASP A 801 -4.18 8.75 1.17
C ASP A 801 -5.06 9.95 1.58
N ILE A 802 -4.40 11.06 1.91
CA ILE A 802 -5.08 12.28 2.34
C ILE A 802 -5.79 12.90 1.13
N GLU A 803 -5.19 12.85 -0.06
CA GLU A 803 -5.86 13.35 -1.29
C GLU A 803 -7.21 12.63 -1.53
N HIS A 804 -7.19 11.30 -1.44
CA HIS A 804 -8.44 10.49 -1.63
C HIS A 804 -9.51 10.96 -0.63
N LEU A 805 -9.09 11.15 0.62
CA LEU A 805 -10.01 11.44 1.75
C LEU A 805 -10.56 12.88 1.77
N THR A 806 -9.89 13.80 1.06
CA THR A 806 -10.26 15.26 1.07
C THR A 806 -10.70 15.85 -0.30
N GLY A 807 -10.44 15.15 -1.41
CA GLY A 807 -10.69 15.70 -2.78
C GLY A 807 -9.75 16.89 -3.10
N LEU A 808 -8.64 16.96 -2.39
CA LEU A 808 -7.59 18.02 -2.62
C LEU A 808 -6.38 17.44 -3.38
N ASP A 809 -5.66 18.30 -4.09
CA ASP A 809 -4.46 17.93 -4.82
C ASP A 809 -3.34 18.92 -4.37
N PHE A 810 -2.26 18.38 -3.76
CA PHE A 810 -1.19 19.16 -3.10
C PHE A 810 0.04 19.28 -4.04
N TYR A 811 1.05 20.03 -3.60
CA TYR A 811 2.29 20.25 -4.41
C TYR A 811 2.07 20.67 -5.89
N ARG A 812 1.11 21.56 -6.11
CA ARG A 812 0.75 22.04 -7.46
C ARG A 812 1.80 22.98 -8.09
N LYS A 813 2.54 23.68 -7.25
CA LYS A 813 3.55 24.67 -7.73
C LYS A 813 4.90 24.45 -7.07
N THR A 814 5.72 23.59 -7.64
CA THR A 814 7.09 23.39 -7.15
C THR A 814 8.02 23.48 -8.35
N SER A 815 9.31 23.40 -8.11
CA SER A 815 10.27 23.37 -9.20
C SER A 815 10.68 21.93 -9.57
N ARG A 816 9.92 20.93 -9.12
CA ARG A 816 10.26 19.52 -9.37
C ARG A 816 9.42 18.91 -10.50
N SER A 817 9.91 17.87 -11.15
CA SER A 817 9.16 17.24 -12.25
C SER A 817 7.90 16.55 -11.64
N TYR A 818 6.86 16.39 -12.44
CA TYR A 818 5.60 15.88 -11.89
C TYR A 818 5.73 14.44 -11.43
N SER A 819 6.49 13.62 -12.17
CA SER A 819 6.71 12.22 -11.79
CA SER A 819 6.66 12.22 -11.77
C SER A 819 7.40 12.11 -10.43
N GLU A 820 8.33 13.03 -10.18
CA GLU A 820 9.04 13.08 -8.90
C GLU A 820 8.06 13.45 -7.76
N ILE A 821 7.13 14.36 -8.06
CA ILE A 821 6.10 14.73 -7.07
C ILE A 821 5.16 13.52 -6.85
N LEU A 822 4.82 12.78 -7.89
CA LEU A 822 3.94 11.61 -7.70
C LEU A 822 4.59 10.56 -6.78
N THR A 823 5.90 10.35 -6.93
CA THR A 823 6.67 9.49 -6.03
C THR A 823 6.65 10.02 -4.57
N LEU A 824 6.84 11.31 -4.39
CA LEU A 824 6.74 11.95 -3.06
C LEU A 824 5.37 11.70 -2.41
N LYS A 825 4.30 11.86 -3.21
CA LYS A 825 2.92 11.68 -2.69
C LYS A 825 2.61 10.22 -2.30
N THR A 826 3.30 9.24 -2.89
CA THR A 826 3.12 7.82 -2.50
C THR A 826 4.05 7.40 -1.35
N TYR A 827 5.01 8.25 -0.95
CA TYR A 827 5.96 7.92 0.16
C TYR A 827 5.21 7.67 1.49
N LEU A 828 5.66 6.66 2.25
CA LEU A 828 5.11 6.43 3.58
C LEU A 828 6.26 6.45 4.57
N HIS A 829 6.21 7.33 5.59
CA HIS A 829 7.24 7.26 6.63
C HIS A 829 6.91 6.12 7.65
N THR A 830 7.72 5.06 7.73
N THR A 830 7.73 5.07 7.66
CA THR A 830 7.27 3.83 8.45
CA THR A 830 7.60 4.12 8.73
C THR A 830 7.63 3.68 9.96
C THR A 830 8.73 4.42 9.71
N TYR A 831 8.72 4.32 10.39
N TYR A 831 8.47 4.06 10.95
CA TYR A 831 9.19 4.30 11.79
CA TYR A 831 9.43 4.34 11.97
C TYR A 831 9.69 2.94 12.33
C TYR A 831 10.17 3.06 12.31
N GLU A 832 10.12 2.09 11.40
CA GLU A 832 10.81 0.81 11.64
C GLU A 832 12.31 1.13 11.50
N SER A 833 13.16 0.42 12.25
CA SER A 833 14.62 0.57 12.11
C SER A 833 15.15 0.15 10.69
N GLU A 834 16.46 0.33 10.46
CA GLU A 834 17.11 0.20 9.13
C GLU A 834 16.71 -1.04 8.28
C1 NAG B . -9.21 1.78 -5.38
C2 NAG B . -10.08 2.88 -4.79
C3 NAG B . -11.57 2.51 -4.99
C4 NAG B . -11.93 2.18 -6.44
C5 NAG B . -10.91 1.21 -7.06
C6 NAG B . -11.14 1.00 -8.58
C7 NAG B . -9.28 4.23 -2.87
C8 NAG B . -9.07 4.29 -1.38
N2 NAG B . -9.82 3.09 -3.36
O3 NAG B . -12.37 3.62 -4.59
O4 NAG B . -13.18 1.48 -6.41
O5 NAG B . -9.56 1.64 -6.79
O6 NAG B . -11.05 2.30 -9.23
O7 NAG B . -8.93 5.16 -3.62
C1 NAG B . -14.19 2.01 -7.28
C2 NAG B . -15.15 0.84 -7.57
C3 NAG B . -16.33 1.37 -8.40
C4 NAG B . -17.06 2.54 -7.67
C5 NAG B . -16.12 3.66 -7.16
C6 NAG B . -16.81 4.50 -6.04
C7 NAG B . -13.92 -1.36 -7.67
C8 NAG B . -13.23 -2.35 -8.59
N2 NAG B . -14.45 -0.26 -8.24
O3 NAG B . -17.22 0.27 -8.68
O4 NAG B . -18.05 3.15 -8.53
O5 NAG B . -14.87 3.13 -6.66
O6 NAG B . -16.86 3.81 -4.75
O7 NAG B . -13.93 -1.60 -6.47
C1 BMA B . -19.37 2.59 -8.24
C2 BMA B . -20.45 3.68 -8.27
C3 BMA B . -21.89 3.10 -8.22
C4 BMA B . -22.07 1.88 -9.17
C5 BMA B . -20.94 0.86 -9.02
C6 BMA B . -20.99 -0.27 -10.07
O2 BMA B . -20.22 4.48 -9.43
O3 BMA B . -22.88 4.14 -8.46
O4 BMA B . -23.32 1.19 -8.94
O5 BMA B . -19.67 1.53 -9.16
O6 BMA B . -19.88 -1.12 -9.75
C1 MAN B . -19.77 -2.33 -10.54
C2 MAN B . -19.21 -3.47 -9.65
C3 MAN B . -17.67 -3.34 -9.46
C4 MAN B . -16.99 -3.26 -10.84
C5 MAN B . -17.57 -2.09 -11.70
C6 MAN B . -16.98 -1.97 -13.12
O2 MAN B . -19.57 -4.79 -10.09
O3 MAN B . -17.08 -4.40 -8.67
O4 MAN B . -15.56 -3.20 -10.69
O5 MAN B . -19.02 -2.17 -11.77
O6 MAN B . -17.05 -3.19 -13.89
C1 MAN B . -17.34 -4.35 -7.24
C2 MAN B . -16.11 -4.80 -6.40
C3 MAN B . -15.80 -6.29 -6.69
C4 MAN B . -17.02 -7.21 -6.55
C5 MAN B . -18.36 -6.59 -7.04
C6 MAN B . -19.51 -7.25 -6.29
O2 MAN B . -16.40 -4.67 -4.99
O3 MAN B . -14.76 -6.81 -5.83
O4 MAN B . -16.71 -8.44 -7.25
O5 MAN B . -18.46 -5.16 -6.82
O6 MAN B . -20.74 -6.74 -6.81
C1 MAN B . -15.84 -3.48 -4.36
C2 MAN B . -15.86 -3.71 -2.83
C3 MAN B . -17.26 -3.50 -2.24
C4 MAN B . -17.95 -2.20 -2.72
C5 MAN B . -17.89 -2.08 -4.25
C6 MAN B . -18.55 -0.80 -4.82
O2 MAN B . -14.94 -2.84 -2.15
O3 MAN B . -17.13 -3.49 -0.82
O4 MAN B . -19.30 -2.19 -2.24
O5 MAN B . -16.52 -2.24 -4.72
O6 MAN B . -18.84 -0.98 -6.22
C1 MAN B . -23.68 4.54 -7.30
C2 MAN B . -25.17 4.75 -7.67
C3 MAN B . -25.43 6.06 -8.45
C4 MAN B . -24.79 7.27 -7.75
C5 MAN B . -23.34 6.95 -7.33
C6 MAN B . -22.64 8.12 -6.65
O2 MAN B . -25.99 4.79 -6.48
O3 MAN B . -26.83 6.32 -8.59
O4 MAN B . -24.84 8.38 -8.66
O5 MAN B . -23.19 5.72 -6.59
O6 MAN B . -21.91 8.80 -7.69
C1 MAN B . -26.98 3.75 -6.47
C2 MAN B . -28.35 4.32 -6.02
C3 MAN B . -28.31 4.64 -4.50
C4 MAN B . -27.80 3.45 -3.66
C5 MAN B . -26.49 2.85 -4.24
C6 MAN B . -26.06 1.55 -3.53
O2 MAN B . -29.39 3.38 -6.36
O3 MAN B . -29.56 5.15 -3.97
O4 MAN B . -27.63 3.86 -2.29
O5 MAN B . -26.60 2.62 -5.66
O6 MAN B . -26.86 0.46 -3.99
C10 XVB C . -0.50 -23.24 -4.62
C11 XVB C . -0.99 -21.09 -3.47
C13 XVB C . -0.16 -22.05 -5.50
C16 XVB C . -0.76 -19.82 -5.83
C19 XVB C . -0.79 -19.88 -8.32
C20 XVB C . -1.11 -18.41 -8.42
C22 XVB C . -2.42 -18.04 -7.97
C23 XVB C . -2.79 -16.69 -8.13
C25 XVB C . -0.75 -16.17 -9.12
C26 XVB C . -0.25 -17.48 -8.99
C27 XVB C . -4.13 -16.19 -7.67
C28 XVB C . -4.27 -14.70 -7.31
C1 XVB C . 0.20 -22.26 -0.96
N2 XVB C . 1.28 -21.42 -0.75
C3 XVB C . 1.33 -20.73 0.44
C4 XVB C . -0.83 -22.46 -0.05
C5 XVB C . -0.76 -21.74 1.17
C6 XVB C . 0.34 -20.86 1.44
C7 XVB C . 0.15 -23.02 -2.26
O8 XVB C . 0.86 -24.06 -2.36
N9 XVB C . -0.64 -22.56 -3.30
C12 XVB C . -1.20 -21.00 -4.99
C14 XVB C . -0.35 -21.98 -7.01
N15 XVB C . -0.80 -20.52 -7.13
O21 XVB C . -0.58 -20.51 -9.36
N24 XVB C . -1.97 -15.77 -8.71
C29 XVB C . -4.96 -15.23 -8.57
S30 XVB C . 0.39 -20.00 2.89
N31 XVB C . 0.80 -21.14 3.99
O32 XVB C . -0.94 -19.57 3.08
O33 XVB C . 1.48 -19.00 2.82
O34 XVB C . 0.11 -15.25 -9.68
C35 XVB C . -0.43 -13.93 -9.84
C36 XVB C . 0.70 -13.09 -10.50
C37 XVB C . 1.81 -12.83 -9.43
C38 XVB C . 2.91 -11.86 -10.04
O39 XVB C . 2.32 -10.64 -10.50
C40 XVB C . 1.28 -10.81 -11.48
C41 XVB C . 0.12 -11.76 -10.94
CA CA D . 2.62 -16.36 0.04
C ACT E . 3.64 -4.96 14.93
O ACT E . 4.00 -3.76 14.78
OXT ACT E . 4.34 -5.78 15.56
CH3 ACT E . 2.32 -5.40 14.32
CL CL F . -7.00 -14.84 6.61
ZN ZN G . 3.01 -18.83 3.78
NA NA H . -6.20 4.31 27.38
CA CA I . -16.30 8.28 2.47
K K J . -18.77 21.18 25.14
#